data_1D0J
#
_entry.id   1D0J
#
_cell.length_a   135.9
_cell.length_b   85.6
_cell.length_c   124.1
_cell.angle_alpha   90
_cell.angle_beta   119.1
_cell.angle_gamma   90
#
_symmetry.space_group_name_H-M   'C 1 2 1'
#
loop_
_entity.id
_entity.type
_entity.pdbx_description
1 polymer 'TUMOR NECROSIS FACTOR RECEPTOR ASSOCIATED PROTEIN 2'
2 polymer '4-1BB LIGAND RECEPTOR'
3 water water
#
loop_
_entity_poly.entity_id
_entity_poly.type
_entity_poly.pdbx_seq_one_letter_code
_entity_poly.pdbx_strand_id
1 'polypeptide(L)'
;AMADLEQKVLEMEASTYDGVFIWKISDFARKRQEAVAGRIPAIFSPAFYTSRYGYKMCLRIYLNGDGTGRGTHLSLFFVV
MKGPNDALLRWPFNQKVTLMLLDQNNREHVIDAFRPDVTSSSFQRPVNDMNIASGCPLFCPVSKMEAKNSYVRDDAIFIK
AIVDLTGL
;
A,B,C,D,E,F
2 'polypeptide(L)' (ACE)GAAQEE G,H,I,J,K
#
loop_
_chem_comp.id
_chem_comp.type
_chem_comp.name
_chem_comp.formula
ACE non-polymer 'ACETYL GROUP' 'C2 H4 O'
#
# COMPACT_ATOMS: atom_id res chain seq x y z
N ALA A 1 -34.99 -10.42 -36.61
CA ALA A 1 -34.23 -9.44 -35.77
C ALA A 1 -34.84 -9.37 -34.37
N MET A 2 -36.16 -9.14 -34.33
CA MET A 2 -36.90 -9.06 -33.07
C MET A 2 -36.36 -10.10 -32.08
N ALA A 3 -35.99 -11.27 -32.59
CA ALA A 3 -35.45 -12.33 -31.75
C ALA A 3 -34.11 -11.88 -31.19
N ASP A 4 -33.16 -11.61 -32.08
CA ASP A 4 -31.81 -11.19 -31.68
C ASP A 4 -31.81 -9.89 -30.87
N LEU A 5 -32.79 -9.02 -31.13
CA LEU A 5 -32.88 -7.76 -30.39
C LEU A 5 -33.29 -8.05 -28.95
N GLU A 6 -34.19 -9.01 -28.77
CA GLU A 6 -34.66 -9.38 -27.44
C GLU A 6 -33.50 -9.97 -26.63
N GLN A 7 -32.58 -10.63 -27.33
CA GLN A 7 -31.42 -11.24 -26.67
C GLN A 7 -30.49 -10.13 -26.15
N LYS A 8 -30.28 -9.11 -26.97
CA LYS A 8 -29.44 -7.98 -26.59
C LYS A 8 -30.01 -7.33 -25.33
N VAL A 9 -31.32 -7.11 -25.31
CA VAL A 9 -32.00 -6.48 -24.19
C VAL A 9 -31.78 -7.24 -22.89
N LEU A 10 -32.08 -8.53 -22.90
CA LEU A 10 -31.90 -9.38 -21.71
C LEU A 10 -30.45 -9.37 -21.25
N GLU A 11 -29.53 -9.41 -22.21
CA GLU A 11 -28.10 -9.36 -21.89
C GLU A 11 -27.81 -8.07 -21.10
N MET A 12 -28.21 -6.94 -21.66
CA MET A 12 -28.03 -5.63 -21.01
C MET A 12 -28.71 -5.61 -19.67
N GLU A 13 -29.93 -6.13 -19.63
CA GLU A 13 -30.70 -6.16 -18.42
C GLU A 13 -30.01 -6.94 -17.30
N ALA A 14 -29.23 -7.97 -17.67
CA ALA A 14 -28.53 -8.80 -16.70
C ALA A 14 -27.11 -8.36 -16.36
N SER A 15 -26.42 -7.73 -17.30
CA SER A 15 -25.03 -7.32 -17.10
C SER A 15 -24.75 -6.41 -15.91
N THR A 16 -23.59 -6.63 -15.29
CA THR A 16 -23.14 -5.84 -14.14
C THR A 16 -21.71 -5.44 -14.44
N TYR A 17 -21.22 -4.38 -13.81
CA TYR A 17 -19.84 -3.93 -14.12
C TYR A 17 -18.90 -3.75 -12.94
N ASP A 18 -19.10 -4.52 -11.88
CA ASP A 18 -18.21 -4.42 -10.73
C ASP A 18 -17.65 -5.79 -10.33
N GLY A 19 -17.63 -6.71 -11.28
CA GLY A 19 -17.10 -8.03 -11.00
C GLY A 19 -17.99 -8.90 -10.11
N VAL A 20 -19.17 -8.40 -9.75
CA VAL A 20 -20.09 -9.17 -8.95
C VAL A 20 -21.29 -9.52 -9.83
N PHE A 21 -21.74 -10.76 -9.71
CA PHE A 21 -22.85 -11.23 -10.53
C PHE A 21 -23.63 -12.30 -9.78
N ILE A 22 -24.96 -12.13 -9.76
CA ILE A 22 -25.85 -13.08 -9.12
C ILE A 22 -26.75 -13.65 -10.22
N TRP A 23 -26.66 -14.95 -10.41
CA TRP A 23 -27.42 -15.63 -11.44
C TRP A 23 -28.58 -16.41 -10.82
N LYS A 24 -29.80 -16.01 -11.16
CA LYS A 24 -31.00 -16.65 -10.65
C LYS A 24 -31.51 -17.62 -11.70
N ILE A 25 -31.77 -18.85 -11.31
CA ILE A 25 -32.27 -19.82 -12.26
C ILE A 25 -33.64 -20.34 -11.86
N SER A 26 -34.62 -20.00 -12.69
CA SER A 26 -36.01 -20.39 -12.47
C SER A 26 -36.25 -21.65 -13.28
N ASP A 27 -37.36 -22.33 -13.01
CA ASP A 27 -37.66 -23.58 -13.69
C ASP A 27 -36.51 -24.52 -13.35
N PHE A 28 -36.16 -24.54 -12.07
CA PHE A 28 -35.08 -25.39 -11.62
C PHE A 28 -35.37 -26.84 -12.04
N ALA A 29 -36.44 -27.38 -11.46
CA ALA A 29 -36.89 -28.76 -11.75
C ALA A 29 -36.74 -29.13 -13.23
N ARG A 30 -37.50 -28.45 -14.09
CA ARG A 30 -37.45 -28.72 -15.51
C ARG A 30 -36.02 -28.73 -16.07
N LYS A 31 -35.27 -27.67 -15.77
CA LYS A 31 -33.90 -27.56 -16.25
C LYS A 31 -33.03 -28.62 -15.58
N ARG A 32 -33.49 -29.10 -14.43
CA ARG A 32 -32.77 -30.10 -13.68
C ARG A 32 -32.89 -31.44 -14.44
N GLN A 33 -34.13 -31.83 -14.76
CA GLN A 33 -34.38 -33.06 -15.50
C GLN A 33 -33.70 -33.06 -16.86
N GLU A 34 -33.83 -31.94 -17.58
CA GLU A 34 -33.23 -31.81 -18.90
C GLU A 34 -31.75 -32.12 -18.85
N ALA A 35 -31.10 -31.75 -17.74
CA ALA A 35 -29.67 -32.01 -17.55
C ALA A 35 -29.46 -33.51 -17.38
N VAL A 36 -30.39 -34.12 -16.64
CA VAL A 36 -30.33 -35.56 -16.40
C VAL A 36 -30.50 -36.29 -17.74
N ALA A 37 -31.64 -36.06 -18.37
CA ALA A 37 -31.96 -36.68 -19.65
C ALA A 37 -30.95 -36.39 -20.74
N GLY A 38 -29.94 -35.58 -20.45
CA GLY A 38 -28.94 -35.27 -21.46
C GLY A 38 -29.49 -34.39 -22.57
N ARG A 39 -30.72 -33.91 -22.41
CA ARG A 39 -31.36 -33.04 -23.39
C ARG A 39 -30.67 -31.68 -23.42
N ILE A 40 -30.47 -31.11 -22.23
CA ILE A 40 -29.78 -29.83 -22.09
C ILE A 40 -28.79 -29.96 -20.95
N PRO A 41 -27.56 -30.42 -21.25
CA PRO A 41 -26.53 -30.59 -20.23
C PRO A 41 -26.10 -29.32 -19.51
N ALA A 42 -25.62 -28.34 -20.27
CA ALA A 42 -25.14 -27.08 -19.69
C ALA A 42 -26.02 -25.84 -19.93
N ILE A 43 -25.74 -24.77 -19.20
CA ILE A 43 -26.47 -23.51 -19.31
C ILE A 43 -25.54 -22.32 -19.15
N PHE A 44 -25.44 -21.49 -20.18
CA PHE A 44 -24.59 -20.30 -20.04
C PHE A 44 -25.38 -19.24 -19.32
N SER A 45 -24.65 -18.37 -18.61
CA SER A 45 -25.26 -17.27 -17.89
C SER A 45 -25.02 -16.01 -18.72
N PRO A 46 -25.72 -14.92 -18.40
CA PRO A 46 -25.55 -13.66 -19.12
C PRO A 46 -24.13 -13.17 -18.83
N ALA A 47 -23.62 -12.27 -19.66
CA ALA A 47 -22.27 -11.75 -19.44
C ALA A 47 -22.25 -10.61 -18.41
N PHE A 48 -21.12 -10.47 -17.70
CA PHE A 48 -20.96 -9.40 -16.72
C PHE A 48 -19.51 -8.93 -16.80
N TYR A 49 -19.14 -7.85 -16.12
CA TYR A 49 -17.77 -7.36 -16.27
C TYR A 49 -17.05 -6.97 -15.00
N THR A 50 -15.74 -6.73 -15.11
CA THR A 50 -14.96 -6.33 -13.95
C THR A 50 -15.02 -4.83 -13.76
N SER A 51 -15.41 -4.11 -14.80
CA SER A 51 -15.55 -2.67 -14.73
C SER A 51 -16.33 -2.28 -15.97
N ARG A 52 -16.60 -0.98 -16.15
CA ARG A 52 -17.39 -0.56 -17.29
C ARG A 52 -16.76 -1.02 -18.59
N TYR A 53 -15.43 -0.92 -18.66
CA TYR A 53 -14.67 -1.35 -19.83
C TYR A 53 -13.64 -2.38 -19.38
N GLY A 54 -14.07 -3.31 -18.55
CA GLY A 54 -13.19 -4.35 -18.04
C GLY A 54 -13.30 -5.63 -18.85
N TYR A 55 -12.97 -6.76 -18.22
CA TYR A 55 -13.04 -8.05 -18.90
C TYR A 55 -14.49 -8.52 -18.99
N LYS A 56 -14.80 -9.26 -20.05
CA LYS A 56 -16.15 -9.80 -20.20
C LYS A 56 -16.14 -11.27 -19.79
N MET A 57 -16.98 -11.61 -18.83
CA MET A 57 -17.03 -12.96 -18.30
C MET A 57 -18.47 -13.45 -18.17
N CYS A 58 -18.64 -14.78 -18.08
CA CYS A 58 -19.95 -15.36 -17.88
C CYS A 58 -19.72 -16.71 -17.18
N LEU A 59 -20.79 -17.40 -16.79
CA LEU A 59 -20.66 -18.67 -16.09
C LEU A 59 -21.33 -19.77 -16.88
N ARG A 60 -20.87 -21.01 -16.68
CA ARG A 60 -21.49 -22.16 -17.35
C ARG A 60 -21.69 -23.26 -16.31
N ILE A 61 -22.94 -23.71 -16.19
CA ILE A 61 -23.32 -24.69 -15.19
C ILE A 61 -24.01 -25.95 -15.71
N TYR A 62 -23.65 -27.10 -15.11
CA TYR A 62 -24.26 -28.38 -15.48
C TYR A 62 -25.02 -28.81 -14.24
N LEU A 63 -26.35 -28.69 -14.29
CA LEU A 63 -27.17 -29.06 -13.14
C LEU A 63 -27.06 -30.54 -12.82
N ASN A 64 -26.27 -31.25 -13.61
CA ASN A 64 -26.06 -32.68 -13.37
C ASN A 64 -24.63 -33.03 -13.73
N GLY A 65 -23.72 -32.23 -13.21
CA GLY A 65 -22.30 -32.42 -13.41
C GLY A 65 -21.73 -32.59 -14.80
N ASP A 66 -20.41 -32.34 -14.87
CA ASP A 66 -19.61 -32.46 -16.08
C ASP A 66 -18.27 -33.06 -15.67
N GLY A 67 -17.77 -34.02 -16.44
CA GLY A 67 -16.51 -34.65 -16.11
C GLY A 67 -16.56 -35.33 -14.74
N THR A 68 -15.49 -35.15 -13.97
CA THR A 68 -15.37 -35.73 -12.65
C THR A 68 -16.60 -35.55 -11.74
N GLY A 69 -17.59 -34.78 -12.18
CA GLY A 69 -18.76 -34.55 -11.35
C GLY A 69 -20.05 -35.09 -11.96
N ARG A 70 -19.98 -35.49 -13.23
CA ARG A 70 -21.14 -36.00 -13.94
C ARG A 70 -22.11 -36.84 -13.10
N GLY A 71 -23.39 -36.73 -13.44
CA GLY A 71 -24.46 -37.46 -12.77
C GLY A 71 -24.60 -37.32 -11.27
N THR A 72 -23.52 -36.92 -10.60
CA THR A 72 -23.53 -36.81 -9.14
C THR A 72 -23.46 -35.39 -8.58
N HIS A 73 -22.57 -34.59 -9.14
CA HIS A 73 -22.39 -33.21 -8.69
C HIS A 73 -22.99 -32.14 -9.61
N LEU A 74 -22.92 -30.90 -9.13
CA LEU A 74 -23.39 -29.73 -9.85
C LEU A 74 -22.07 -29.07 -10.22
N SER A 75 -21.80 -28.96 -11.51
CA SER A 75 -20.55 -28.35 -11.97
C SER A 75 -20.82 -26.89 -12.36
N LEU A 76 -19.95 -26.00 -11.91
CA LEU A 76 -20.09 -24.58 -12.22
C LEU A 76 -18.76 -24.05 -12.76
N PHE A 77 -18.77 -23.46 -13.96
CA PHE A 77 -17.52 -22.94 -14.51
C PHE A 77 -17.49 -21.45 -14.79
N PHE A 78 -16.29 -20.89 -14.69
CA PHE A 78 -16.03 -19.49 -14.95
C PHE A 78 -15.66 -19.46 -16.44
N VAL A 79 -16.08 -18.41 -17.13
CA VAL A 79 -15.79 -18.29 -18.57
C VAL A 79 -15.27 -16.91 -18.96
N VAL A 80 -14.09 -16.88 -19.57
CA VAL A 80 -13.52 -15.61 -20.01
C VAL A 80 -13.84 -15.38 -21.48
N MET A 81 -14.82 -14.52 -21.75
CA MET A 81 -15.23 -14.22 -23.12
C MET A 81 -14.40 -13.13 -23.77
N LYS A 82 -14.56 -13.00 -25.09
CA LYS A 82 -13.85 -11.96 -25.84
C LYS A 82 -14.54 -10.63 -25.53
N GLY A 83 -13.80 -9.70 -24.93
CA GLY A 83 -14.38 -8.41 -24.61
C GLY A 83 -14.07 -7.34 -25.65
N PRO A 84 -15.00 -6.40 -25.86
CA PRO A 84 -14.83 -5.32 -26.83
C PRO A 84 -13.63 -4.43 -26.50
N ASN A 85 -13.10 -4.57 -25.29
CA ASN A 85 -11.96 -3.75 -24.88
C ASN A 85 -10.73 -4.57 -24.51
N ASP A 86 -10.70 -5.85 -24.91
CA ASP A 86 -9.57 -6.72 -24.57
C ASP A 86 -8.19 -6.11 -24.84
N ALA A 87 -8.04 -5.42 -25.97
CA ALA A 87 -6.77 -4.81 -26.33
C ALA A 87 -6.26 -3.76 -25.33
N LEU A 88 -7.10 -3.42 -24.36
CA LEU A 88 -6.71 -2.43 -23.36
C LEU A 88 -6.45 -3.11 -22.02
N LEU A 89 -6.72 -4.40 -21.94
CA LEU A 89 -6.57 -5.16 -20.71
C LEU A 89 -5.28 -5.99 -20.63
N ARG A 90 -4.77 -6.13 -19.41
CA ARG A 90 -3.56 -6.91 -19.19
C ARG A 90 -3.89 -8.39 -19.23
N TRP A 91 -3.13 -9.14 -20.03
CA TRP A 91 -3.34 -10.59 -20.14
C TRP A 91 -2.07 -11.28 -19.69
N PRO A 92 -2.17 -12.55 -19.28
CA PRO A 92 -3.38 -13.38 -19.20
C PRO A 92 -4.28 -12.92 -18.05
N PHE A 93 -5.53 -13.41 -18.07
CA PHE A 93 -6.50 -13.09 -17.04
C PHE A 93 -5.93 -13.69 -15.75
N ASN A 94 -5.62 -12.83 -14.80
CA ASN A 94 -5.05 -13.28 -13.54
C ASN A 94 -5.81 -12.68 -12.37
N GLN A 95 -7.10 -13.03 -12.25
CA GLN A 95 -7.94 -12.51 -11.17
C GLN A 95 -8.64 -13.61 -10.39
N LYS A 96 -8.55 -13.56 -9.06
CA LYS A 96 -9.18 -14.55 -8.19
C LYS A 96 -10.69 -14.53 -8.42
N VAL A 97 -11.26 -15.73 -8.59
CA VAL A 97 -12.69 -15.88 -8.83
C VAL A 97 -13.41 -16.72 -7.76
N THR A 98 -14.31 -16.10 -7.00
CA THR A 98 -15.05 -16.81 -5.98
C THR A 98 -16.43 -17.17 -6.52
N LEU A 99 -16.84 -18.43 -6.39
CA LEU A 99 -18.16 -18.86 -6.86
C LEU A 99 -18.99 -19.36 -5.68
N MET A 100 -20.29 -19.09 -5.71
CA MET A 100 -21.15 -19.52 -4.62
C MET A 100 -22.53 -20.00 -5.06
N LEU A 101 -23.12 -20.83 -4.23
CA LEU A 101 -24.47 -21.34 -4.45
C LEU A 101 -25.16 -20.78 -3.23
N LEU A 102 -26.08 -19.86 -3.42
CA LEU A 102 -26.75 -19.27 -2.28
C LEU A 102 -27.80 -20.12 -1.58
N ASP A 103 -27.74 -20.05 -0.26
CA ASP A 103 -28.66 -20.76 0.59
C ASP A 103 -29.79 -19.79 0.92
N GLN A 104 -30.91 -19.93 0.23
CA GLN A 104 -32.06 -19.07 0.44
C GLN A 104 -32.59 -19.06 1.87
N ASN A 105 -31.88 -19.74 2.78
CA ASN A 105 -32.22 -19.76 4.21
C ASN A 105 -31.01 -19.24 4.94
N ASN A 106 -30.15 -18.59 4.15
CA ASN A 106 -28.89 -17.98 4.59
C ASN A 106 -28.35 -18.57 5.88
N ARG A 107 -27.86 -19.81 5.80
CA ARG A 107 -27.32 -20.48 6.97
C ARG A 107 -26.03 -21.23 6.60
N GLU A 108 -25.90 -21.60 5.33
CA GLU A 108 -24.71 -22.31 4.87
C GLU A 108 -24.58 -22.27 3.35
N HIS A 109 -23.95 -21.21 2.84
CA HIS A 109 -23.79 -21.10 1.41
C HIS A 109 -22.70 -22.07 0.99
N VAL A 110 -22.80 -22.55 -0.24
CA VAL A 110 -21.79 -23.44 -0.79
C VAL A 110 -20.82 -22.50 -1.49
N ILE A 111 -19.65 -22.30 -0.91
CA ILE A 111 -18.64 -21.41 -1.51
C ILE A 111 -17.34 -22.10 -1.87
N ASP A 112 -16.72 -21.63 -2.94
CA ASP A 112 -15.47 -22.19 -3.41
C ASP A 112 -14.78 -21.06 -4.16
N ALA A 113 -13.47 -21.15 -4.33
CA ALA A 113 -12.74 -20.10 -5.03
C ALA A 113 -11.40 -20.59 -5.57
N PHE A 114 -10.90 -19.92 -6.60
CA PHE A 114 -9.64 -20.30 -7.20
C PHE A 114 -8.91 -19.12 -7.84
N ARG A 115 -7.60 -19.29 -8.01
CA ARG A 115 -6.77 -18.30 -8.66
C ARG A 115 -6.44 -18.88 -10.03
N PRO A 116 -6.61 -18.08 -11.09
CA PRO A 116 -6.34 -18.52 -12.45
C PRO A 116 -4.94 -19.05 -12.72
N ASP A 117 -4.88 -20.13 -13.47
CA ASP A 117 -3.62 -20.75 -13.85
C ASP A 117 -3.16 -20.04 -15.11
N VAL A 118 -2.27 -19.08 -14.92
CA VAL A 118 -1.70 -18.26 -15.98
C VAL A 118 -1.29 -19.00 -17.24
N THR A 119 -1.02 -20.30 -17.12
CA THR A 119 -0.60 -21.07 -18.30
C THR A 119 -1.79 -21.60 -19.06
N SER A 120 -2.92 -21.73 -18.39
CA SER A 120 -4.11 -22.28 -19.05
C SER A 120 -4.60 -21.41 -20.21
N SER A 121 -5.23 -22.08 -21.18
CA SER A 121 -5.77 -21.42 -22.36
C SER A 121 -7.11 -20.75 -22.01
N SER A 122 -7.51 -20.90 -20.74
CA SER A 122 -8.75 -20.32 -20.27
C SER A 122 -8.57 -18.87 -19.83
N PHE A 123 -7.33 -18.45 -19.65
CA PHE A 123 -7.09 -17.10 -19.22
C PHE A 123 -6.17 -16.36 -20.16
N GLN A 124 -6.20 -16.76 -21.42
CA GLN A 124 -5.39 -16.11 -22.43
C GLN A 124 -6.32 -15.19 -23.20
N ARG A 125 -5.79 -14.11 -23.75
CA ARG A 125 -6.64 -13.20 -24.51
C ARG A 125 -7.46 -13.98 -25.53
N PRO A 126 -8.79 -13.89 -25.43
CA PRO A 126 -9.65 -14.62 -26.36
C PRO A 126 -9.40 -14.41 -27.85
N VAL A 127 -9.56 -15.48 -28.60
CA VAL A 127 -9.41 -15.48 -30.04
C VAL A 127 -10.78 -15.91 -30.55
N ASN A 128 -11.49 -16.67 -29.71
CA ASN A 128 -12.84 -17.10 -30.06
C ASN A 128 -13.85 -16.28 -29.26
N ASP A 129 -15.12 -16.54 -29.51
CA ASP A 129 -16.16 -15.82 -28.82
C ASP A 129 -15.96 -16.04 -27.33
N MET A 130 -15.55 -17.25 -26.97
CA MET A 130 -15.31 -17.60 -25.58
C MET A 130 -14.06 -18.47 -25.44
N ASN A 131 -13.43 -18.45 -24.28
CA ASN A 131 -12.28 -19.31 -24.03
C ASN A 131 -12.89 -20.60 -23.46
N ILE A 132 -12.04 -21.58 -23.16
CA ILE A 132 -12.53 -22.83 -22.58
C ILE A 132 -12.90 -22.60 -21.11
N ALA A 133 -14.04 -23.13 -20.73
CA ALA A 133 -14.53 -22.99 -19.36
C ALA A 133 -13.70 -23.78 -18.36
N SER A 134 -13.46 -23.18 -17.19
CA SER A 134 -12.71 -23.86 -16.13
C SER A 134 -13.25 -23.35 -14.79
N GLY A 135 -13.49 -24.28 -13.87
CA GLY A 135 -14.00 -23.89 -12.57
C GLY A 135 -13.99 -24.97 -11.50
N CYS A 136 -15.18 -25.46 -11.16
CA CYS A 136 -15.33 -26.46 -10.11
C CYS A 136 -16.27 -27.60 -10.50
N PRO A 137 -15.70 -28.69 -11.05
CA PRO A 137 -16.48 -29.86 -11.48
C PRO A 137 -17.24 -30.50 -10.31
N LEU A 138 -16.71 -30.37 -9.11
CA LEU A 138 -17.37 -30.95 -7.95
C LEU A 138 -17.80 -29.82 -7.01
N PHE A 139 -18.40 -28.78 -7.59
CA PHE A 139 -18.83 -27.62 -6.82
C PHE A 139 -19.80 -27.98 -5.68
N CYS A 140 -20.81 -28.77 -6.00
CA CYS A 140 -21.78 -29.16 -5.00
C CYS A 140 -22.56 -30.41 -5.36
N PRO A 141 -22.63 -31.40 -4.44
CA PRO A 141 -23.32 -32.68 -4.55
C PRO A 141 -24.83 -32.55 -4.76
N VAL A 142 -25.32 -33.12 -5.85
CA VAL A 142 -26.75 -33.06 -6.15
C VAL A 142 -27.66 -33.16 -4.91
N SER A 143 -27.41 -34.15 -4.06
CA SER A 143 -28.23 -34.34 -2.86
C SER A 143 -28.18 -33.11 -1.95
N LYS A 144 -27.02 -32.47 -1.90
CA LYS A 144 -26.83 -31.28 -1.10
C LYS A 144 -28.00 -30.32 -1.36
N MET A 145 -28.56 -30.40 -2.57
CA MET A 145 -29.68 -29.55 -2.96
C MET A 145 -30.88 -30.39 -3.41
N GLU A 146 -31.17 -30.35 -4.71
CA GLU A 146 -32.27 -31.10 -5.32
C GLU A 146 -33.44 -31.31 -4.35
N ALA A 147 -33.44 -32.46 -3.68
CA ALA A 147 -34.48 -32.85 -2.72
C ALA A 147 -35.31 -31.68 -2.16
N LYS A 148 -34.68 -30.89 -1.29
CA LYS A 148 -35.33 -29.73 -0.67
C LYS A 148 -34.27 -28.83 -0.05
N ASN A 149 -33.80 -29.22 1.14
CA ASN A 149 -32.78 -28.49 1.87
C ASN A 149 -33.14 -27.01 1.97
N SER A 150 -32.28 -26.13 1.46
CA SER A 150 -32.53 -24.70 1.50
C SER A 150 -31.85 -23.92 0.38
N TYR A 151 -31.53 -24.59 -0.71
CA TYR A 151 -30.89 -23.91 -1.84
C TYR A 151 -31.90 -23.74 -2.95
N VAL A 152 -32.94 -24.57 -2.92
CA VAL A 152 -33.96 -24.51 -3.94
C VAL A 152 -35.30 -24.14 -3.33
N ARG A 153 -35.66 -22.88 -3.44
CA ARG A 153 -36.92 -22.41 -2.91
C ARG A 153 -37.79 -21.93 -4.08
N ASP A 154 -39.10 -22.11 -3.96
CA ASP A 154 -40.01 -21.71 -5.01
C ASP A 154 -39.44 -22.05 -6.38
N ASP A 155 -38.84 -23.24 -6.48
CA ASP A 155 -38.23 -23.76 -7.71
C ASP A 155 -37.25 -22.78 -8.34
N ALA A 156 -36.23 -22.40 -7.59
CA ALA A 156 -35.24 -21.48 -8.12
C ALA A 156 -33.98 -21.45 -7.26
N ILE A 157 -32.83 -21.31 -7.92
CA ILE A 157 -31.54 -21.25 -7.22
C ILE A 157 -30.79 -19.97 -7.61
N PHE A 158 -29.87 -19.53 -6.76
CA PHE A 158 -29.09 -18.36 -7.05
C PHE A 158 -27.59 -18.69 -7.03
N ILE A 159 -26.91 -18.37 -8.12
CA ILE A 159 -25.47 -18.60 -8.21
C ILE A 159 -24.86 -17.22 -8.16
N LYS A 160 -23.81 -17.09 -7.35
CA LYS A 160 -23.16 -15.80 -7.24
C LYS A 160 -21.67 -15.92 -7.56
N ALA A 161 -21.16 -14.96 -8.33
CA ALA A 161 -19.76 -14.94 -8.70
C ALA A 161 -19.17 -13.60 -8.25
N ILE A 162 -17.93 -13.65 -7.80
CA ILE A 162 -17.23 -12.48 -7.32
C ILE A 162 -15.80 -12.53 -7.85
N VAL A 163 -15.52 -11.68 -8.83
CA VAL A 163 -14.20 -11.63 -9.41
C VAL A 163 -13.41 -10.54 -8.69
N ASP A 164 -12.42 -10.96 -7.91
CA ASP A 164 -11.60 -10.03 -7.18
C ASP A 164 -11.10 -8.96 -8.15
N LEU A 165 -10.93 -7.73 -7.69
CA LEU A 165 -10.47 -6.68 -8.58
C LEU A 165 -9.12 -6.09 -8.22
N THR A 166 -8.30 -6.85 -7.49
CA THR A 166 -6.98 -6.35 -7.10
C THR A 166 -6.11 -6.10 -8.34
N GLY A 167 -5.57 -4.90 -8.43
CA GLY A 167 -4.75 -4.52 -9.56
C GLY A 167 -5.53 -3.94 -10.73
N LEU A 168 -6.83 -3.73 -10.56
CA LEU A 168 -7.65 -3.17 -11.64
C LEU A 168 -8.25 -1.80 -11.29
N ALA B 1 -40.20 0.02 -36.82
CA ALA B 1 -39.77 0.62 -35.53
C ALA B 1 -38.59 -0.18 -34.95
N MET B 2 -38.53 -1.45 -35.30
CA MET B 2 -37.46 -2.34 -34.82
C MET B 2 -36.10 -1.70 -35.05
N ALA B 3 -36.02 -0.83 -36.05
CA ALA B 3 -34.79 -0.14 -36.37
C ALA B 3 -34.51 0.90 -35.29
N ASP B 4 -35.52 1.72 -35.01
CA ASP B 4 -35.41 2.77 -34.00
C ASP B 4 -35.20 2.18 -32.62
N LEU B 5 -35.67 0.94 -32.42
CA LEU B 5 -35.52 0.28 -31.13
C LEU B 5 -34.09 -0.22 -30.95
N GLU B 6 -33.57 -0.84 -32.00
CA GLU B 6 -32.20 -1.35 -31.99
C GLU B 6 -31.25 -0.18 -31.71
N GLN B 7 -31.60 1.00 -32.22
CA GLN B 7 -30.78 2.18 -32.00
C GLN B 7 -30.74 2.58 -30.52
N LYS B 8 -31.91 2.65 -29.89
CA LYS B 8 -31.98 3.01 -28.48
C LYS B 8 -31.19 2.00 -27.63
N VAL B 9 -31.35 0.72 -27.91
CA VAL B 9 -30.65 -0.31 -27.14
C VAL B 9 -29.14 -0.14 -27.16
N LEU B 10 -28.58 0.11 -28.36
CA LEU B 10 -27.15 0.32 -28.50
C LEU B 10 -26.70 1.59 -27.78
N GLU B 11 -27.52 2.64 -27.89
CA GLU B 11 -27.19 3.90 -27.23
C GLU B 11 -27.15 3.66 -25.73
N MET B 12 -28.08 2.85 -25.23
CA MET B 12 -28.12 2.52 -23.81
C MET B 12 -26.93 1.66 -23.46
N GLU B 13 -26.63 0.72 -24.36
CA GLU B 13 -25.52 -0.18 -24.17
C GLU B 13 -24.21 0.59 -24.06
N ALA B 14 -24.12 1.70 -24.78
CA ALA B 14 -22.92 2.52 -24.80
C ALA B 14 -22.82 3.62 -23.75
N SER B 15 -23.95 4.06 -23.22
CA SER B 15 -23.97 5.14 -22.23
C SER B 15 -23.26 4.85 -20.92
N THR B 16 -22.72 5.91 -20.29
CA THR B 16 -22.03 5.77 -19.01
C THR B 16 -22.43 6.96 -18.16
N TYR B 17 -22.33 6.84 -16.84
CA TYR B 17 -22.75 7.95 -16.01
C TYR B 17 -21.75 8.47 -15.01
N ASP B 18 -20.48 8.34 -15.35
CA ASP B 18 -19.43 8.81 -14.44
C ASP B 18 -18.47 9.79 -15.10
N GLY B 19 -18.88 10.40 -16.20
CA GLY B 19 -18.04 11.36 -16.87
C GLY B 19 -16.89 10.75 -17.67
N VAL B 20 -16.73 9.43 -17.56
CA VAL B 20 -15.67 8.75 -18.30
C VAL B 20 -16.26 7.96 -19.44
N PHE B 21 -15.83 8.26 -20.65
CA PHE B 21 -16.34 7.55 -21.82
C PHE B 21 -15.18 7.02 -22.68
N ILE B 22 -15.31 5.79 -23.16
CA ILE B 22 -14.29 5.21 -24.03
C ILE B 22 -14.99 4.82 -25.30
N TRP B 23 -14.56 5.41 -26.41
CA TRP B 23 -15.17 5.17 -27.69
C TRP B 23 -14.28 4.34 -28.61
N LYS B 24 -14.81 3.21 -29.02
CA LYS B 24 -14.08 2.30 -29.90
C LYS B 24 -14.62 2.44 -31.32
N ILE B 25 -13.72 2.69 -32.26
CA ILE B 25 -14.12 2.85 -33.64
C ILE B 25 -13.52 1.74 -34.49
N SER B 26 -14.36 0.76 -34.83
CA SER B 26 -13.94 -0.37 -35.63
C SER B 26 -13.93 0.04 -37.10
N ASP B 27 -13.52 -0.89 -37.97
CA ASP B 27 -13.47 -0.62 -39.40
C ASP B 27 -12.78 0.72 -39.64
N PHE B 28 -11.75 0.98 -38.85
CA PHE B 28 -11.00 2.23 -38.96
C PHE B 28 -10.65 2.52 -40.40
N ALA B 29 -10.00 1.56 -41.04
CA ALA B 29 -9.59 1.71 -42.43
C ALA B 29 -10.72 2.26 -43.30
N ARG B 30 -11.85 1.55 -43.32
CA ARG B 30 -13.00 1.95 -44.12
C ARG B 30 -13.51 3.34 -43.77
N LYS B 31 -13.77 3.58 -42.49
CA LYS B 31 -14.28 4.87 -42.02
C LYS B 31 -13.26 5.98 -42.25
N ARG B 32 -12.00 5.58 -42.41
CA ARG B 32 -10.90 6.51 -42.62
C ARG B 32 -10.93 6.97 -44.08
N GLN B 33 -11.25 6.03 -44.98
CA GLN B 33 -11.35 6.35 -46.39
C GLN B 33 -12.57 7.22 -46.60
N GLU B 34 -13.70 6.73 -46.11
CA GLU B 34 -14.97 7.43 -46.21
C GLU B 34 -14.81 8.90 -45.79
N ALA B 35 -13.92 9.17 -44.86
CA ALA B 35 -13.68 10.54 -44.41
C ALA B 35 -12.84 11.27 -45.45
N VAL B 36 -11.81 10.58 -45.93
CA VAL B 36 -10.94 11.15 -46.94
C VAL B 36 -11.74 11.48 -48.19
N ALA B 37 -12.48 10.51 -48.68
CA ALA B 37 -13.31 10.69 -49.88
C ALA B 37 -14.48 11.65 -49.64
N GLY B 38 -14.55 12.23 -48.44
CA GLY B 38 -15.64 13.15 -48.16
C GLY B 38 -17.04 12.57 -48.25
N ARG B 39 -17.16 11.24 -48.22
CA ARG B 39 -18.46 10.59 -48.27
C ARG B 39 -19.08 10.68 -46.89
N ILE B 40 -18.24 10.52 -45.87
CA ILE B 40 -18.65 10.61 -44.48
C ILE B 40 -17.54 11.28 -43.69
N PRO B 41 -17.51 12.61 -43.68
CA PRO B 41 -16.49 13.34 -42.95
C PRO B 41 -16.52 13.14 -41.44
N ALA B 42 -17.68 13.29 -40.82
CA ALA B 42 -17.76 13.16 -39.36
C ALA B 42 -18.58 11.99 -38.80
N ILE B 43 -18.31 11.65 -37.55
CA ILE B 43 -19.00 10.55 -36.88
C ILE B 43 -19.30 10.95 -35.45
N PHE B 44 -20.55 10.79 -35.04
CA PHE B 44 -20.94 11.11 -33.67
C PHE B 44 -20.78 9.88 -32.79
N SER B 45 -20.37 10.08 -31.54
CA SER B 45 -20.22 8.98 -30.60
C SER B 45 -21.51 8.87 -29.79
N PRO B 46 -21.79 7.68 -29.22
CA PRO B 46 -22.99 7.49 -28.42
C PRO B 46 -22.92 8.49 -27.28
N ALA B 47 -24.05 8.85 -26.67
CA ALA B 47 -24.07 9.81 -25.57
C ALA B 47 -23.70 9.20 -24.22
N PHE B 48 -23.14 10.04 -23.33
CA PHE B 48 -22.76 9.65 -21.99
C PHE B 48 -23.07 10.81 -21.00
N TYR B 49 -22.99 10.56 -19.70
CA TYR B 49 -23.36 11.58 -18.73
C TYR B 49 -22.39 11.75 -17.58
N THR B 50 -22.45 12.93 -16.93
CA THR B 50 -21.60 13.22 -15.78
C THR B 50 -22.07 12.49 -14.54
N SER B 51 -23.32 12.04 -14.56
CA SER B 51 -23.92 11.34 -13.43
C SER B 51 -25.26 10.82 -13.91
N ARG B 52 -25.90 9.99 -13.08
CA ARG B 52 -27.17 9.38 -13.46
C ARG B 52 -28.15 10.41 -14.03
N TYR B 53 -28.25 11.58 -13.38
CA TYR B 53 -29.17 12.63 -13.86
C TYR B 53 -28.42 13.90 -14.21
N GLY B 54 -27.22 13.75 -14.78
CA GLY B 54 -26.40 14.91 -15.12
C GLY B 54 -26.41 15.32 -16.58
N TYR B 55 -25.42 16.12 -16.98
CA TYR B 55 -25.36 16.56 -18.37
C TYR B 55 -25.20 15.42 -19.36
N LYS B 56 -25.83 15.57 -20.52
CA LYS B 56 -25.75 14.58 -21.58
C LYS B 56 -24.74 15.17 -22.57
N MET B 57 -23.79 14.35 -23.04
CA MET B 57 -22.74 14.81 -23.95
C MET B 57 -22.39 13.71 -24.92
N CYS B 58 -21.67 14.07 -25.98
CA CYS B 58 -21.21 13.08 -26.94
C CYS B 58 -20.00 13.65 -27.64
N LEU B 59 -19.39 12.85 -28.51
CA LEU B 59 -18.19 13.28 -29.23
C LEU B 59 -18.47 13.20 -30.70
N ARG B 60 -17.73 14.02 -31.44
CA ARG B 60 -17.86 14.05 -32.89
C ARG B 60 -16.42 14.03 -33.34
N ILE B 61 -16.11 13.13 -34.26
CA ILE B 61 -14.75 13.01 -34.74
C ILE B 61 -14.66 13.13 -36.24
N TYR B 62 -13.57 13.69 -36.72
CA TYR B 62 -13.30 13.81 -38.14
C TYR B 62 -11.99 13.06 -38.37
N LEU B 63 -12.11 11.85 -38.91
CA LEU B 63 -10.93 11.02 -39.17
C LEU B 63 -9.97 11.63 -40.18
N ASN B 64 -10.37 12.74 -40.79
CA ASN B 64 -9.51 13.41 -41.73
C ASN B 64 -9.66 14.92 -41.59
N GLY B 65 -9.66 15.36 -40.33
CA GLY B 65 -9.75 16.77 -40.01
C GLY B 65 -10.94 17.61 -40.40
N ASP B 66 -11.06 18.73 -39.68
CA ASP B 66 -12.12 19.70 -39.86
C ASP B 66 -11.45 21.04 -39.54
N GLY B 67 -11.88 22.10 -40.19
CA GLY B 67 -11.27 23.40 -39.93
C GLY B 67 -9.76 23.39 -40.13
N THR B 68 -9.06 24.08 -39.24
CA THR B 68 -7.60 24.20 -39.32
C THR B 68 -6.85 22.87 -39.35
N GLY B 69 -7.56 21.76 -39.25
CA GLY B 69 -6.87 20.48 -39.26
C GLY B 69 -7.25 19.61 -40.44
N ARG B 70 -8.17 20.11 -41.26
CA ARG B 70 -8.63 19.36 -42.42
C ARG B 70 -7.49 18.77 -43.26
N GLY B 71 -7.76 17.61 -43.83
CA GLY B 71 -6.79 16.94 -44.69
C GLY B 71 -5.52 16.48 -44.01
N THR B 72 -5.13 17.09 -42.90
CA THR B 72 -3.89 16.70 -42.22
C THR B 72 -4.04 16.12 -40.81
N HIS B 73 -5.03 16.60 -40.06
CA HIS B 73 -5.25 16.15 -38.69
C HIS B 73 -6.55 15.40 -38.43
N LEU B 74 -6.61 14.83 -37.23
CA LEU B 74 -7.78 14.11 -36.76
C LEU B 74 -8.45 15.13 -35.84
N SER B 75 -9.67 15.55 -36.16
CA SER B 75 -10.35 16.54 -35.34
C SER B 75 -11.29 15.85 -34.34
N LEU B 76 -11.15 16.20 -33.07
CA LEU B 76 -11.96 15.60 -32.02
C LEU B 76 -12.76 16.65 -31.27
N PHE B 77 -14.08 16.56 -31.32
CA PHE B 77 -14.89 17.55 -30.64
C PHE B 77 -15.83 17.00 -29.56
N PHE B 78 -16.02 17.83 -28.55
CA PHE B 78 -16.90 17.56 -27.42
C PHE B 78 -18.25 18.18 -27.75
N VAL B 79 -19.34 17.50 -27.38
CA VAL B 79 -20.67 18.03 -27.66
C VAL B 79 -21.64 18.03 -26.49
N VAL B 80 -22.16 19.20 -26.15
CA VAL B 80 -23.14 19.30 -25.09
C VAL B 80 -24.49 19.14 -25.78
N MET B 81 -25.22 18.09 -25.41
CA MET B 81 -26.51 17.80 -26.01
C MET B 81 -27.58 18.14 -24.99
N LYS B 82 -28.83 18.24 -25.47
CA LYS B 82 -29.94 18.52 -24.60
C LYS B 82 -30.22 17.28 -23.75
N GLY B 83 -30.14 17.45 -22.44
CA GLY B 83 -30.39 16.35 -21.52
C GLY B 83 -31.78 16.40 -20.89
N PRO B 84 -32.35 15.24 -20.54
CA PRO B 84 -33.67 15.17 -19.93
C PRO B 84 -33.72 15.88 -18.59
N ASN B 85 -32.56 16.14 -18.01
CA ASN B 85 -32.51 16.78 -16.71
C ASN B 85 -31.87 18.17 -16.70
N ASP B 86 -31.75 18.80 -17.88
CA ASP B 86 -31.12 20.11 -17.95
C ASP B 86 -31.68 21.17 -16.98
N ALA B 87 -32.99 21.18 -16.78
CA ALA B 87 -33.61 22.15 -15.87
C ALA B 87 -33.05 22.11 -14.45
N LEU B 88 -32.50 20.96 -14.05
CA LEU B 88 -31.93 20.80 -12.71
C LEU B 88 -30.41 21.08 -12.64
N LEU B 89 -29.78 21.19 -13.80
CA LEU B 89 -28.34 21.43 -13.90
C LEU B 89 -27.97 22.91 -13.99
N ARG B 90 -26.79 23.26 -13.49
CA ARG B 90 -26.30 24.63 -13.52
C ARG B 90 -25.71 24.93 -14.88
N TRP B 91 -25.99 26.11 -15.42
CA TRP B 91 -25.47 26.52 -16.72
C TRP B 91 -24.80 27.88 -16.63
N PRO B 92 -23.89 28.19 -17.56
CA PRO B 92 -23.44 27.35 -18.68
C PRO B 92 -22.58 26.16 -18.23
N PHE B 93 -22.42 25.19 -19.12
CA PHE B 93 -21.61 24.02 -18.83
C PHE B 93 -20.20 24.57 -18.52
N ASN B 94 -19.65 24.14 -17.38
CA ASN B 94 -18.35 24.62 -16.97
C ASN B 94 -17.47 23.55 -16.31
N GLN B 95 -17.28 22.42 -17.01
CA GLN B 95 -16.46 21.33 -16.48
C GLN B 95 -15.26 21.05 -17.41
N LYS B 96 -14.07 20.95 -16.83
CA LYS B 96 -12.90 20.65 -17.66
C LYS B 96 -13.15 19.35 -18.42
N VAL B 97 -12.64 19.29 -19.65
CA VAL B 97 -12.78 18.12 -20.51
C VAL B 97 -11.44 17.62 -21.01
N THR B 98 -11.17 16.34 -20.78
CA THR B 98 -9.92 15.75 -21.22
C THR B 98 -10.19 14.75 -22.33
N LEU B 99 -9.55 14.95 -23.48
CA LEU B 99 -9.73 14.05 -24.61
C LEU B 99 -8.42 13.27 -24.85
N MET B 100 -8.56 12.00 -25.19
CA MET B 100 -7.40 11.14 -25.39
C MET B 100 -7.53 10.16 -26.54
N LEU B 101 -6.42 9.91 -27.22
CA LEU B 101 -6.35 8.92 -28.29
C LEU B 101 -5.46 7.88 -27.62
N LEU B 102 -6.04 6.72 -27.31
CA LEU B 102 -5.29 5.67 -26.62
C LEU B 102 -4.30 4.87 -27.48
N ASP B 103 -3.12 4.65 -26.92
CA ASP B 103 -2.08 3.88 -27.58
C ASP B 103 -2.27 2.44 -27.13
N GLN B 104 -2.57 1.55 -28.06
CA GLN B 104 -2.80 0.15 -27.71
C GLN B 104 -1.52 -0.63 -27.37
N ASN B 105 -0.44 0.13 -27.16
CA ASN B 105 0.87 -0.40 -26.78
C ASN B 105 1.27 0.45 -25.59
N ASN B 106 0.24 1.03 -24.95
CA ASN B 106 0.39 1.93 -23.82
C ASN B 106 1.84 2.38 -23.70
N ARG B 107 2.20 3.36 -24.51
CA ARG B 107 3.56 3.90 -24.52
C ARG B 107 3.50 5.43 -24.58
N GLU B 108 2.38 5.95 -25.07
CA GLU B 108 2.19 7.39 -25.17
C GLU B 108 0.82 7.70 -25.76
N HIS B 109 -0.10 8.09 -24.89
CA HIS B 109 -1.44 8.42 -25.33
C HIS B 109 -1.48 9.85 -25.84
N VAL B 110 -2.23 10.10 -26.90
CA VAL B 110 -2.36 11.46 -27.40
C VAL B 110 -3.37 12.07 -26.42
N ILE B 111 -2.92 13.04 -25.64
CA ILE B 111 -3.82 13.66 -24.68
C ILE B 111 -3.88 15.18 -24.80
N ASP B 112 -5.05 15.72 -24.56
CA ASP B 112 -5.27 17.16 -24.64
C ASP B 112 -6.42 17.47 -23.67
N ALA B 113 -6.51 18.71 -23.21
CA ALA B 113 -7.56 19.13 -22.28
C ALA B 113 -7.93 20.59 -22.46
N PHE B 114 -9.11 20.98 -21.96
CA PHE B 114 -9.58 22.36 -22.06
C PHE B 114 -10.70 22.67 -21.07
N ARG B 115 -10.77 23.94 -20.66
CA ARG B 115 -11.80 24.41 -19.75
C ARG B 115 -12.82 25.16 -20.59
N PRO B 116 -14.10 24.82 -20.45
CA PRO B 116 -15.15 25.51 -21.22
C PRO B 116 -15.12 27.03 -21.23
N ASP B 117 -15.32 27.60 -22.40
CA ASP B 117 -15.37 29.04 -22.56
C ASP B 117 -16.81 29.48 -22.29
N VAL B 118 -17.07 29.82 -21.04
CA VAL B 118 -18.39 30.23 -20.57
C VAL B 118 -19.21 31.14 -21.51
N THR B 119 -18.55 31.91 -22.36
CA THR B 119 -19.26 32.81 -23.26
C THR B 119 -19.68 32.11 -24.55
N SER B 120 -19.11 30.93 -24.79
CA SER B 120 -19.39 30.16 -25.99
C SER B 120 -20.80 29.56 -26.01
N SER B 121 -21.42 29.58 -27.18
CA SER B 121 -22.77 29.04 -27.34
C SER B 121 -22.76 27.52 -27.40
N SER B 122 -21.62 26.92 -27.05
CA SER B 122 -21.46 25.48 -27.06
C SER B 122 -21.73 24.96 -25.67
N PHE B 123 -21.59 25.83 -24.69
CA PHE B 123 -21.78 25.45 -23.30
C PHE B 123 -22.97 26.14 -22.64
N GLN B 124 -23.88 26.61 -23.47
CA GLN B 124 -25.08 27.25 -22.96
C GLN B 124 -26.13 26.14 -22.89
N ARG B 125 -27.19 26.33 -22.11
CA ARG B 125 -28.21 25.31 -22.02
C ARG B 125 -28.78 25.06 -23.40
N PRO B 126 -28.66 23.83 -23.90
CA PRO B 126 -29.16 23.49 -25.23
C PRO B 126 -30.62 23.85 -25.54
N VAL B 127 -30.82 24.28 -26.77
CA VAL B 127 -32.12 24.66 -27.29
C VAL B 127 -32.41 23.60 -28.32
N ASN B 128 -31.37 23.22 -29.05
CA ASN B 128 -31.47 22.18 -30.07
C ASN B 128 -31.04 20.86 -29.48
N ASP B 129 -31.24 19.81 -30.26
CA ASP B 129 -30.86 18.48 -29.84
C ASP B 129 -29.40 18.54 -29.37
N MET B 130 -28.57 19.25 -30.14
CA MET B 130 -27.14 19.40 -29.82
C MET B 130 -26.64 20.84 -29.94
N ASN B 131 -25.66 21.19 -29.10
CA ASN B 131 -25.04 22.51 -29.17
C ASN B 131 -23.91 22.41 -30.21
N ILE B 132 -23.19 23.51 -30.42
CA ILE B 132 -22.14 23.46 -31.40
C ILE B 132 -20.90 22.74 -30.84
N ALA B 133 -20.39 21.79 -31.62
CA ALA B 133 -19.21 21.02 -31.26
C ALA B 133 -18.05 21.97 -31.00
N SER B 134 -17.28 21.66 -29.97
CA SER B 134 -16.15 22.47 -29.54
C SER B 134 -15.06 21.50 -29.16
N GLY B 135 -13.80 21.83 -29.41
CA GLY B 135 -12.77 20.89 -29.04
C GLY B 135 -11.39 21.09 -29.61
N CYS B 136 -10.86 20.04 -30.23
CA CYS B 136 -9.51 20.09 -30.79
C CYS B 136 -9.44 19.70 -32.24
N PRO B 137 -9.35 20.70 -33.14
CA PRO B 137 -9.26 20.51 -34.59
C PRO B 137 -7.92 19.88 -34.93
N LEU B 138 -6.90 20.26 -34.17
CA LEU B 138 -5.55 19.77 -34.36
C LEU B 138 -5.21 18.75 -33.27
N PHE B 139 -6.19 17.93 -32.92
CA PHE B 139 -5.97 16.95 -31.86
C PHE B 139 -4.77 16.04 -32.11
N CYS B 140 -4.68 15.49 -33.31
CA CYS B 140 -3.61 14.58 -33.63
C CYS B 140 -3.33 14.47 -35.13
N PRO B 141 -2.03 14.47 -35.50
CA PRO B 141 -1.57 14.36 -36.89
C PRO B 141 -1.96 13.03 -37.53
N VAL B 142 -2.41 13.07 -38.77
CA VAL B 142 -2.79 11.84 -39.47
C VAL B 142 -1.66 10.80 -39.51
N SER B 143 -0.44 11.26 -39.76
CA SER B 143 0.71 10.36 -39.82
C SER B 143 1.00 9.75 -38.45
N LYS B 144 0.67 10.50 -37.40
CA LYS B 144 0.85 10.06 -36.01
C LYS B 144 0.18 8.71 -35.80
N MET B 145 -0.87 8.45 -36.57
CA MET B 145 -1.59 7.18 -36.49
C MET B 145 -1.57 6.44 -37.82
N GLU B 146 -2.69 6.48 -38.53
CA GLU B 146 -2.85 5.82 -39.82
C GLU B 146 -1.89 4.66 -40.03
N ALA B 147 -0.83 4.92 -40.81
CA ALA B 147 0.21 3.95 -41.15
C ALA B 147 0.20 2.66 -40.31
N LYS B 148 0.82 2.73 -39.13
CA LYS B 148 0.89 1.59 -38.23
C LYS B 148 1.03 2.08 -36.80
N ASN B 149 2.25 2.51 -36.45
CA ASN B 149 2.53 3.04 -35.12
C ASN B 149 2.00 2.07 -34.05
N SER B 150 1.07 2.57 -33.22
CA SER B 150 0.49 1.77 -32.15
C SER B 150 -0.91 2.23 -31.68
N TYR B 151 -1.52 3.17 -32.40
CA TYR B 151 -2.86 3.63 -32.04
C TYR B 151 -3.92 2.79 -32.74
N VAL B 152 -3.59 2.34 -33.95
CA VAL B 152 -4.51 1.50 -34.70
C VAL B 152 -4.00 0.07 -34.63
N ARG B 153 -4.77 -0.78 -33.96
CA ARG B 153 -4.42 -2.18 -33.84
C ARG B 153 -5.68 -2.96 -34.16
N ASP B 154 -5.53 -3.99 -34.99
CA ASP B 154 -6.64 -4.81 -35.40
C ASP B 154 -7.75 -4.00 -36.03
N ASP B 155 -7.34 -2.95 -36.73
CA ASP B 155 -8.25 -2.07 -37.45
C ASP B 155 -9.28 -1.37 -36.56
N ALA B 156 -8.79 -0.82 -35.45
CA ALA B 156 -9.67 -0.12 -34.53
C ALA B 156 -8.84 0.85 -33.71
N ILE B 157 -9.50 1.89 -33.20
CA ILE B 157 -8.84 2.88 -32.38
C ILE B 157 -9.77 3.12 -31.20
N PHE B 158 -9.23 3.68 -30.12
CA PHE B 158 -10.05 3.96 -28.96
C PHE B 158 -9.89 5.41 -28.59
N ILE B 159 -11.02 6.08 -28.39
CA ILE B 159 -11.02 7.49 -28.00
C ILE B 159 -11.59 7.49 -26.58
N LYS B 160 -10.94 8.23 -25.70
CA LYS B 160 -11.42 8.30 -24.34
C LYS B 160 -11.62 9.73 -23.90
N ALA B 161 -12.79 9.98 -23.31
CA ALA B 161 -13.13 11.31 -22.81
C ALA B 161 -13.32 11.22 -21.30
N ILE B 162 -12.82 12.23 -20.60
CA ILE B 162 -12.91 12.32 -19.15
C ILE B 162 -13.45 13.71 -18.83
N VAL B 163 -14.68 13.78 -18.30
CA VAL B 163 -15.25 15.07 -17.93
C VAL B 163 -15.01 15.22 -16.44
N ASP B 164 -14.26 16.25 -16.04
CA ASP B 164 -14.00 16.44 -14.61
C ASP B 164 -15.31 16.64 -13.84
N LEU B 165 -15.32 16.26 -12.57
CA LEU B 165 -16.55 16.39 -11.80
C LEU B 165 -16.55 17.35 -10.61
N THR B 166 -15.55 18.21 -10.54
CA THR B 166 -15.47 19.18 -9.44
C THR B 166 -16.74 20.02 -9.44
N GLY B 167 -17.39 20.12 -8.29
CA GLY B 167 -18.61 20.90 -8.21
C GLY B 167 -19.90 20.16 -8.53
N LEU B 168 -19.79 18.90 -8.94
CA LEU B 168 -20.99 18.12 -9.26
C LEU B 168 -21.14 16.96 -8.30
N ALA C 1 -45.12 -8.29 -29.56
CA ALA C 1 -43.93 -8.21 -28.66
C ALA C 1 -43.28 -6.83 -28.70
N MET C 2 -43.35 -6.18 -29.86
CA MET C 2 -42.73 -4.86 -30.01
C MET C 2 -43.13 -3.98 -28.84
N ALA C 3 -44.44 -3.79 -28.65
CA ALA C 3 -44.96 -2.97 -27.57
C ALA C 3 -44.33 -3.31 -26.24
N ASP C 4 -44.49 -4.55 -25.82
CA ASP C 4 -43.95 -5.03 -24.55
C ASP C 4 -42.44 -4.90 -24.50
N LEU C 5 -41.78 -5.06 -25.64
CA LEU C 5 -40.33 -4.94 -25.69
C LEU C 5 -39.86 -3.52 -25.43
N GLU C 6 -40.52 -2.56 -26.06
CA GLU C 6 -40.18 -1.17 -25.88
C GLU C 6 -40.34 -0.83 -24.40
N GLN C 7 -41.31 -1.47 -23.76
CA GLN C 7 -41.57 -1.22 -22.34
C GLN C 7 -40.41 -1.70 -21.46
N LYS C 8 -39.86 -2.87 -21.78
CA LYS C 8 -38.73 -3.41 -21.02
C LYS C 8 -37.53 -2.48 -21.14
N VAL C 9 -37.30 -1.94 -22.33
CA VAL C 9 -36.19 -1.03 -22.61
C VAL C 9 -36.32 0.30 -21.86
N LEU C 10 -37.52 0.88 -21.89
CA LEU C 10 -37.78 2.15 -21.22
C LEU C 10 -37.65 2.02 -19.72
N GLU C 11 -38.06 0.86 -19.21
CA GLU C 11 -37.96 0.58 -17.78
C GLU C 11 -36.48 0.49 -17.44
N MET C 12 -35.72 -0.18 -18.29
CA MET C 12 -34.28 -0.34 -18.09
C MET C 12 -33.62 1.04 -18.15
N GLU C 13 -34.07 1.83 -19.10
CA GLU C 13 -33.53 3.16 -19.31
C GLU C 13 -33.76 4.04 -18.09
N ALA C 14 -34.86 3.78 -17.38
CA ALA C 14 -35.21 4.56 -16.20
C ALA C 14 -34.72 4.01 -14.86
N SER C 15 -34.39 2.73 -14.78
CA SER C 15 -33.96 2.14 -13.51
C SER C 15 -32.60 2.58 -12.96
N THR C 16 -32.52 2.61 -11.64
CA THR C 16 -31.32 3.01 -10.92
C THR C 16 -31.11 1.96 -9.83
N TYR C 17 -29.89 1.85 -9.32
CA TYR C 17 -29.63 0.84 -8.31
C TYR C 17 -28.96 1.30 -7.02
N ASP C 18 -29.13 2.57 -6.67
CA ASP C 18 -28.53 3.04 -5.42
C ASP C 18 -29.54 3.69 -4.51
N GLY C 19 -30.82 3.38 -4.73
CA GLY C 19 -31.88 3.92 -3.89
C GLY C 19 -32.25 5.38 -4.12
N VAL C 20 -31.67 6.00 -5.13
CA VAL C 20 -31.97 7.37 -5.44
C VAL C 20 -32.61 7.35 -6.81
N PHE C 21 -33.73 8.03 -6.91
CA PHE C 21 -34.47 8.06 -8.15
C PHE C 21 -34.95 9.49 -8.37
N ILE C 22 -35.00 9.88 -9.64
CA ILE C 22 -35.49 11.19 -9.99
C ILE C 22 -36.49 10.94 -11.09
N TRP C 23 -37.74 11.32 -10.83
CA TRP C 23 -38.81 11.10 -11.79
C TRP C 23 -39.28 12.38 -12.43
N LYS C 24 -39.20 12.43 -13.75
CA LYS C 24 -39.61 13.61 -14.49
C LYS C 24 -40.97 13.36 -15.11
N ILE C 25 -41.91 14.25 -14.82
CA ILE C 25 -43.23 14.09 -15.39
C ILE C 25 -43.53 15.20 -16.40
N SER C 26 -43.49 14.83 -17.67
CA SER C 26 -43.75 15.74 -18.78
C SER C 26 -45.24 15.87 -19.05
N ASP C 27 -45.62 16.90 -19.81
CA ASP C 27 -47.03 17.18 -20.11
C ASP C 27 -47.80 17.31 -18.81
N PHE C 28 -47.22 18.02 -17.85
CA PHE C 28 -47.83 18.19 -16.55
C PHE C 28 -49.28 18.63 -16.59
N ALA C 29 -49.55 19.69 -17.35
CA ALA C 29 -50.90 20.26 -17.49
C ALA C 29 -51.92 19.24 -17.97
N ARG C 30 -51.57 18.50 -19.01
CA ARG C 30 -52.45 17.50 -19.56
C ARG C 30 -52.77 16.40 -18.54
N LYS C 31 -51.73 15.88 -17.89
CA LYS C 31 -51.88 14.82 -16.90
C LYS C 31 -52.51 15.33 -15.62
N ARG C 32 -52.28 16.61 -15.32
CA ARG C 32 -52.81 17.26 -14.14
C ARG C 32 -54.32 17.32 -14.35
N GLN C 33 -54.71 17.59 -15.59
CA GLN C 33 -56.09 17.71 -15.97
C GLN C 33 -56.79 16.36 -16.01
N GLU C 34 -56.12 15.36 -16.58
CA GLU C 34 -56.67 14.01 -16.66
C GLU C 34 -56.94 13.52 -15.25
N ALA C 35 -56.20 14.04 -14.28
CA ALA C 35 -56.37 13.68 -12.89
C ALA C 35 -57.60 14.38 -12.30
N VAL C 36 -57.83 15.63 -12.68
CA VAL C 36 -58.96 16.39 -12.19
C VAL C 36 -60.26 15.85 -12.76
N ALA C 37 -60.25 15.52 -14.04
CA ALA C 37 -61.42 14.98 -14.70
C ALA C 37 -61.66 13.53 -14.29
N GLY C 38 -60.78 12.98 -13.44
CA GLY C 38 -60.93 11.60 -13.03
C GLY C 38 -60.69 10.56 -14.12
N ARG C 39 -60.19 10.99 -15.27
CA ARG C 39 -59.90 10.07 -16.36
C ARG C 39 -58.68 9.21 -16.02
N ILE C 40 -57.68 9.82 -15.38
CA ILE C 40 -56.45 9.15 -14.97
C ILE C 40 -56.00 9.68 -13.61
N PRO C 41 -56.65 9.24 -12.53
CA PRO C 41 -56.31 9.68 -11.17
C PRO C 41 -54.88 9.50 -10.66
N ALA C 42 -54.26 8.34 -10.92
CA ALA C 42 -52.90 8.14 -10.43
C ALA C 42 -51.91 7.76 -11.53
N ILE C 43 -50.62 7.91 -11.24
CA ILE C 43 -49.55 7.57 -12.18
C ILE C 43 -48.41 6.83 -11.50
N PHE C 44 -48.08 5.65 -12.01
CA PHE C 44 -46.96 4.88 -11.45
C PHE C 44 -45.67 5.33 -12.12
N SER C 45 -44.58 5.35 -11.36
CA SER C 45 -43.28 5.74 -11.91
C SER C 45 -42.55 4.44 -12.29
N PRO C 46 -41.44 4.56 -13.05
CA PRO C 46 -40.66 3.39 -13.46
C PRO C 46 -40.06 2.78 -12.19
N ALA C 47 -39.61 1.55 -12.25
CA ALA C 47 -39.02 0.92 -11.05
C ALA C 47 -37.56 1.30 -10.84
N PHE C 48 -37.10 1.22 -9.59
CA PHE C 48 -35.71 1.49 -9.24
C PHE C 48 -35.29 0.61 -8.06
N TYR C 49 -33.98 0.57 -7.75
CA TYR C 49 -33.56 -0.34 -6.66
C TYR C 49 -32.61 0.20 -5.61
N THR C 50 -32.52 -0.53 -4.50
CA THR C 50 -31.62 -0.14 -3.42
C THR C 50 -30.18 -0.56 -3.76
N SER C 51 -30.05 -1.57 -4.62
CA SER C 51 -28.75 -2.08 -5.05
C SER C 51 -28.96 -2.93 -6.30
N ARG C 52 -27.86 -3.30 -6.96
CA ARG C 52 -27.96 -4.09 -8.19
C ARG C 52 -28.89 -5.29 -8.04
N TYR C 53 -28.91 -5.89 -6.85
CA TYR C 53 -29.81 -7.01 -6.59
C TYR C 53 -30.72 -6.76 -5.38
N GLY C 54 -30.88 -5.48 -5.01
CA GLY C 54 -31.70 -5.10 -3.87
C GLY C 54 -33.21 -5.14 -4.09
N TYR C 55 -33.93 -4.43 -3.24
CA TYR C 55 -35.39 -4.38 -3.35
C TYR C 55 -35.83 -3.59 -4.58
N LYS C 56 -37.00 -3.94 -5.10
CA LYS C 56 -37.56 -3.24 -6.25
C LYS C 56 -38.69 -2.35 -5.76
N MET C 57 -38.58 -1.05 -6.06
CA MET C 57 -39.54 -0.06 -5.63
C MET C 57 -39.95 0.85 -6.80
N CYS C 58 -41.08 1.55 -6.62
CA CYS C 58 -41.55 2.52 -7.61
C CYS C 58 -42.41 3.55 -6.89
N LEU C 59 -42.92 4.53 -7.62
CA LEU C 59 -43.73 5.57 -6.99
C LEU C 59 -45.10 5.70 -7.62
N ARG C 60 -46.06 6.16 -6.82
CA ARG C 60 -47.41 6.37 -7.31
C ARG C 60 -47.83 7.76 -6.85
N ILE C 61 -48.24 8.57 -7.82
CA ILE C 61 -48.62 9.94 -7.55
C ILE C 61 -50.05 10.24 -7.99
N TYR C 62 -50.74 11.04 -7.20
CA TYR C 62 -52.10 11.49 -7.53
C TYR C 62 -51.98 12.99 -7.74
N LEU C 63 -51.96 13.42 -9.00
CA LEU C 63 -51.81 14.84 -9.30
C LEU C 63 -52.93 15.69 -8.74
N ASN C 64 -54.01 15.04 -8.32
CA ASN C 64 -55.12 15.79 -7.75
C ASN C 64 -55.59 15.18 -6.45
N GLY C 65 -54.66 14.57 -5.73
CA GLY C 65 -54.96 13.97 -4.44
C GLY C 65 -55.64 12.62 -4.33
N ASP C 66 -55.41 12.01 -3.17
CA ASP C 66 -55.98 10.72 -2.84
C ASP C 66 -56.35 10.79 -1.35
N GLY C 67 -57.43 10.09 -0.99
CA GLY C 67 -57.86 10.07 0.39
C GLY C 67 -57.99 11.44 1.03
N THR C 68 -57.37 11.62 2.20
CA THR C 68 -57.45 12.88 2.89
C THR C 68 -56.96 14.06 2.06
N GLY C 69 -56.33 13.78 0.91
CA GLY C 69 -55.84 14.85 0.07
C GLY C 69 -56.59 15.09 -1.21
N ARG C 70 -57.60 14.25 -1.50
CA ARG C 70 -58.35 14.39 -2.74
C ARG C 70 -58.82 15.82 -3.06
N GLY C 71 -58.76 16.16 -4.34
CA GLY C 71 -59.19 17.47 -4.79
C GLY C 71 -58.38 18.68 -4.39
N THR C 72 -57.62 18.58 -3.31
CA THR C 72 -56.83 19.72 -2.83
C THR C 72 -55.31 19.52 -2.81
N HIS C 73 -54.87 18.26 -2.64
CA HIS C 73 -53.45 17.95 -2.57
C HIS C 73 -52.90 17.05 -3.66
N LEU C 74 -51.57 17.05 -3.74
CA LEU C 74 -50.85 16.20 -4.67
C LEU C 74 -50.42 15.08 -3.72
N SER C 75 -50.90 13.86 -3.99
CA SER C 75 -50.57 12.73 -3.12
C SER C 75 -49.49 11.85 -3.73
N LEU C 76 -48.41 11.65 -2.97
CA LEU C 76 -47.25 10.88 -3.41
C LEU C 76 -47.04 9.61 -2.58
N PHE C 77 -46.96 8.46 -3.23
CA PHE C 77 -46.75 7.23 -2.49
C PHE C 77 -45.52 6.44 -2.88
N PHE C 78 -45.05 5.63 -1.93
CA PHE C 78 -43.91 4.75 -2.08
C PHE C 78 -44.51 3.35 -2.32
N VAL C 79 -43.92 2.58 -3.21
CA VAL C 79 -44.45 1.25 -3.50
C VAL C 79 -43.38 0.17 -3.49
N VAL C 80 -43.57 -0.85 -2.67
CA VAL C 80 -42.66 -1.99 -2.60
C VAL C 80 -43.16 -2.99 -3.63
N MET C 81 -42.33 -3.29 -4.63
CA MET C 81 -42.73 -4.25 -5.65
C MET C 81 -42.11 -5.62 -5.42
N LYS C 82 -42.57 -6.59 -6.18
CA LYS C 82 -42.00 -7.91 -6.06
C LYS C 82 -40.70 -7.89 -6.86
N GLY C 83 -39.58 -7.92 -6.15
CA GLY C 83 -38.28 -7.92 -6.82
C GLY C 83 -37.85 -9.33 -7.20
N PRO C 84 -37.05 -9.47 -8.25
CA PRO C 84 -36.57 -10.78 -8.73
C PRO C 84 -35.62 -11.46 -7.75
N ASN C 85 -35.31 -10.77 -6.66
CA ASN C 85 -34.38 -11.31 -5.68
C ASN C 85 -34.94 -11.19 -4.25
N ASP C 86 -36.27 -11.12 -4.12
CA ASP C 86 -36.87 -10.97 -2.80
C ASP C 86 -36.43 -12.03 -1.82
N ALA C 87 -36.29 -13.26 -2.31
CA ALA C 87 -35.90 -14.39 -1.48
C ALA C 87 -34.58 -14.17 -0.76
N LEU C 88 -33.73 -13.28 -1.29
CA LEU C 88 -32.43 -13.02 -0.69
C LEU C 88 -32.42 -11.87 0.30
N LEU C 89 -33.48 -11.07 0.30
CA LEU C 89 -33.58 -9.90 1.18
C LEU C 89 -34.29 -10.10 2.53
N ARG C 90 -34.01 -9.22 3.49
CA ARG C 90 -34.62 -9.30 4.81
C ARG C 90 -35.99 -8.60 4.83
N TRP C 91 -37.01 -9.30 5.31
CA TRP C 91 -38.35 -8.73 5.37
C TRP C 91 -38.84 -8.67 6.81
N PRO C 92 -39.73 -7.72 7.12
CA PRO C 92 -40.30 -6.68 6.25
C PRO C 92 -39.34 -5.56 5.81
N PHE C 93 -39.72 -4.83 4.76
CA PHE C 93 -38.94 -3.71 4.26
C PHE C 93 -38.80 -2.81 5.46
N ASN C 94 -37.60 -2.31 5.72
CA ASN C 94 -37.37 -1.52 6.91
C ASN C 94 -36.38 -0.37 6.67
N GLN C 95 -36.50 0.28 5.51
CA GLN C 95 -35.60 1.38 5.15
C GLN C 95 -36.33 2.73 5.15
N LYS C 96 -35.68 3.75 5.70
CA LYS C 96 -36.29 5.07 5.72
C LYS C 96 -36.45 5.53 4.28
N VAL C 97 -37.54 6.23 4.00
CA VAL C 97 -37.78 6.72 2.65
C VAL C 97 -37.96 8.23 2.71
N THR C 98 -37.35 8.93 1.76
CA THR C 98 -37.48 10.38 1.69
C THR C 98 -38.10 10.65 0.34
N LEU C 99 -39.12 11.49 0.32
CA LEU C 99 -39.82 11.87 -0.91
C LEU C 99 -39.72 13.37 -1.06
N MET C 100 -39.52 13.84 -2.29
CA MET C 100 -39.37 15.27 -2.54
C MET C 100 -39.96 15.76 -3.85
N LEU C 101 -40.42 16.99 -3.85
CA LEU C 101 -40.93 17.63 -5.06
C LEU C 101 -39.89 18.71 -5.27
N LEU C 102 -39.10 18.56 -6.31
CA LEU C 102 -38.06 19.53 -6.58
C LEU C 102 -38.54 20.85 -7.13
N ASP C 103 -37.96 21.92 -6.56
CA ASP C 103 -38.22 23.27 -6.98
C ASP C 103 -37.13 23.62 -8.00
N GLN C 104 -37.53 23.76 -9.26
CA GLN C 104 -36.63 24.07 -10.35
C GLN C 104 -35.96 25.45 -10.32
N ASN C 105 -35.98 26.08 -9.15
CA ASN C 105 -35.34 27.36 -8.92
C ASN C 105 -34.64 27.16 -7.60
N ASN C 106 -34.41 25.88 -7.32
CA ASN C 106 -33.72 25.38 -6.12
C ASN C 106 -33.77 26.33 -4.94
N ARG C 107 -34.98 26.79 -4.61
CA ARG C 107 -35.15 27.71 -3.50
C ARG C 107 -35.83 27.01 -2.33
N GLU C 108 -36.89 26.27 -2.62
CA GLU C 108 -37.61 25.57 -1.55
C GLU C 108 -38.25 24.27 -2.02
N HIS C 109 -37.58 23.16 -1.73
CA HIS C 109 -38.08 21.85 -2.10
C HIS C 109 -39.12 21.34 -1.12
N VAL C 110 -40.12 20.66 -1.64
CA VAL C 110 -41.13 20.08 -0.80
C VAL C 110 -40.51 18.73 -0.44
N ILE C 111 -40.24 18.53 0.85
CA ILE C 111 -39.64 17.29 1.31
C ILE C 111 -40.40 16.72 2.49
N ASP C 112 -40.49 15.39 2.54
CA ASP C 112 -41.15 14.69 3.63
C ASP C 112 -40.48 13.31 3.72
N ALA C 113 -40.47 12.71 4.90
CA ALA C 113 -39.83 11.41 5.07
C ALA C 113 -40.55 10.53 6.08
N PHE C 114 -40.28 9.23 6.03
CA PHE C 114 -40.91 8.29 6.95
C PHE C 114 -40.18 6.97 7.08
N ARG C 115 -40.31 6.36 8.25
CA ARG C 115 -39.71 5.06 8.50
C ARG C 115 -40.86 4.08 8.34
N PRO C 116 -40.65 2.99 7.62
CA PRO C 116 -41.71 2.02 7.42
C PRO C 116 -42.34 1.46 8.70
N ASP C 117 -43.65 1.24 8.65
CA ASP C 117 -44.38 0.66 9.75
C ASP C 117 -44.33 -0.85 9.52
N VAL C 118 -43.40 -1.49 10.20
CA VAL C 118 -43.19 -2.93 10.10
C VAL C 118 -44.44 -3.80 10.09
N THR C 119 -45.47 -3.39 10.83
CA THR C 119 -46.69 -4.17 10.90
C THR C 119 -47.61 -3.96 9.69
N SER C 120 -47.21 -3.06 8.80
CA SER C 120 -48.02 -2.78 7.62
C SER C 120 -47.81 -3.72 6.45
N SER C 121 -48.90 -4.05 5.78
CA SER C 121 -48.85 -4.96 4.64
C SER C 121 -48.15 -4.31 3.45
N SER C 122 -47.71 -3.07 3.64
CA SER C 122 -47.02 -2.33 2.59
C SER C 122 -45.55 -2.74 2.52
N PHE C 123 -45.02 -3.21 3.65
CA PHE C 123 -43.63 -3.56 3.72
C PHE C 123 -43.36 -5.02 3.98
N GLN C 124 -44.35 -5.86 3.71
CA GLN C 124 -44.17 -7.29 3.89
C GLN C 124 -43.66 -7.81 2.56
N ARG C 125 -43.05 -9.00 2.54
CA ARG C 125 -42.57 -9.49 1.27
C ARG C 125 -43.76 -9.66 0.33
N PRO C 126 -43.65 -9.09 -0.88
CA PRO C 126 -44.68 -9.12 -1.91
C PRO C 126 -45.21 -10.49 -2.31
N VAL C 127 -46.53 -10.56 -2.47
CA VAL C 127 -47.22 -11.77 -2.90
C VAL C 127 -47.71 -11.47 -4.32
N ASN C 128 -48.07 -10.21 -4.53
CA ASN C 128 -48.53 -9.75 -5.84
C ASN C 128 -47.43 -8.93 -6.47
N ASP C 129 -47.68 -8.47 -7.68
CA ASP C 129 -46.69 -7.69 -8.40
C ASP C 129 -46.29 -6.44 -7.60
N MET C 130 -47.20 -5.94 -6.77
CA MET C 130 -46.95 -4.76 -5.93
C MET C 130 -47.72 -4.85 -4.61
N ASN C 131 -47.17 -4.23 -3.59
CA ASN C 131 -47.83 -4.17 -2.30
C ASN C 131 -48.72 -2.93 -2.31
N ILE C 132 -49.41 -2.68 -1.20
CA ILE C 132 -50.25 -1.50 -1.09
C ILE C 132 -49.35 -0.30 -0.85
N ALA C 133 -49.43 0.69 -1.74
CA ALA C 133 -48.62 1.89 -1.61
C ALA C 133 -49.00 2.66 -0.35
N SER C 134 -48.01 3.31 0.25
CA SER C 134 -48.25 4.12 1.44
C SER C 134 -47.27 5.30 1.31
N GLY C 135 -47.59 6.42 1.95
CA GLY C 135 -46.69 7.55 1.84
C GLY C 135 -47.24 8.86 2.35
N CYS C 136 -47.55 9.78 1.45
CA CYS C 136 -48.04 11.10 1.85
C CYS C 136 -49.28 11.59 1.11
N PRO C 137 -50.47 11.41 1.70
CA PRO C 137 -51.72 11.85 1.07
C PRO C 137 -51.75 13.37 0.95
N LEU C 138 -51.10 14.04 1.89
CA LEU C 138 -51.06 15.49 1.92
C LEU C 138 -49.63 15.98 1.64
N PHE C 139 -48.98 15.38 0.65
CA PHE C 139 -47.61 15.73 0.32
C PHE C 139 -47.43 17.21 -0.01
N CYS C 140 -48.20 17.71 -0.96
CA CYS C 140 -48.09 19.10 -1.35
C CYS C 140 -49.42 19.65 -1.85
N PRO C 141 -49.82 20.83 -1.36
CA PRO C 141 -51.06 21.50 -1.72
C PRO C 141 -51.03 21.92 -3.18
N VAL C 142 -52.10 21.65 -3.91
CA VAL C 142 -52.18 21.99 -5.32
C VAL C 142 -51.73 23.40 -5.64
N SER C 143 -52.15 24.36 -4.82
CA SER C 143 -51.77 25.75 -5.06
C SER C 143 -50.26 25.92 -4.96
N LYS C 144 -49.65 25.23 -4.00
CA LYS C 144 -48.21 25.28 -3.78
C LYS C 144 -47.49 25.21 -5.11
N MET C 145 -48.07 24.48 -6.06
CA MET C 145 -47.47 24.36 -7.38
C MET C 145 -48.41 24.92 -8.43
N GLU C 146 -48.99 24.03 -9.24
CA GLU C 146 -49.91 24.41 -10.30
C GLU C 146 -49.60 25.80 -10.84
N ALA C 147 -50.41 26.78 -10.41
CA ALA C 147 -50.29 28.19 -10.83
C ALA C 147 -49.03 28.52 -11.66
N LYS C 148 -47.92 28.76 -10.97
CA LYS C 148 -46.65 29.10 -11.63
C LYS C 148 -45.49 28.70 -10.72
N ASN C 149 -45.35 29.46 -9.63
CA ASN C 149 -44.30 29.20 -8.65
C ASN C 149 -42.98 28.83 -9.33
N SER C 150 -42.41 27.71 -8.90
CA SER C 150 -41.16 27.25 -9.48
C SER C 150 -41.02 25.72 -9.50
N TYR C 151 -42.12 25.01 -9.24
CA TYR C 151 -42.07 23.55 -9.27
C TYR C 151 -42.47 23.03 -10.64
N VAL C 152 -43.22 23.84 -11.38
CA VAL C 152 -43.64 23.46 -12.71
C VAL C 152 -43.01 24.40 -13.71
N ARG C 153 -42.02 23.91 -14.45
CA ARG C 153 -41.35 24.73 -15.44
C ARG C 153 -41.34 24.02 -16.77
N ASP C 154 -41.68 24.74 -17.83
CA ASP C 154 -41.73 24.16 -19.16
C ASP C 154 -42.67 22.98 -19.22
N ASP C 155 -43.70 23.02 -18.38
CA ASP C 155 -44.72 21.98 -18.32
C ASP C 155 -44.22 20.64 -17.76
N ALA C 156 -43.33 20.70 -16.77
CA ALA C 156 -42.79 19.49 -16.19
C ALA C 156 -42.39 19.68 -14.74
N ILE C 157 -42.50 18.60 -13.96
CA ILE C 157 -42.13 18.61 -12.56
C ILE C 157 -41.16 17.45 -12.29
N PHE C 158 -40.37 17.57 -11.22
CA PHE C 158 -39.44 16.52 -10.88
C PHE C 158 -39.69 16.00 -9.48
N ILE C 159 -39.87 14.69 -9.36
CA ILE C 159 -40.08 14.04 -8.07
C ILE C 159 -38.81 13.25 -7.75
N LYS C 160 -38.32 13.39 -6.52
CA LYS C 160 -37.14 12.68 -6.15
C LYS C 160 -37.35 11.81 -4.91
N ALA C 161 -36.81 10.59 -4.97
CA ALA C 161 -36.93 9.66 -3.85
C ALA C 161 -35.54 9.23 -3.41
N ILE C 162 -35.37 9.13 -2.10
CA ILE C 162 -34.11 8.72 -1.50
C ILE C 162 -34.38 7.66 -0.46
N VAL C 163 -34.14 6.42 -0.83
CA VAL C 163 -34.33 5.28 0.06
C VAL C 163 -33.09 5.04 0.89
N ASP C 164 -33.10 5.44 2.16
CA ASP C 164 -31.94 5.24 3.00
C ASP C 164 -31.40 3.80 2.90
N LEU C 165 -30.08 3.68 2.84
CA LEU C 165 -29.44 2.38 2.70
C LEU C 165 -28.80 1.77 3.94
N THR C 166 -29.06 2.33 5.12
CA THR C 166 -28.47 1.80 6.34
C THR C 166 -28.79 0.31 6.51
N GLY C 167 -27.76 -0.48 6.81
CA GLY C 167 -27.96 -1.91 7.01
C GLY C 167 -27.98 -2.72 5.73
N LEU C 168 -27.69 -2.10 4.60
CA LEU C 168 -27.70 -2.85 3.35
C LEU C 168 -26.37 -2.66 2.60
N ALA D 1 18.87 -10.37 -5.57
CA ALA D 1 19.76 -9.65 -4.60
C ALA D 1 19.04 -9.47 -3.28
N MET D 2 17.72 -9.28 -3.33
CA MET D 2 16.91 -9.10 -2.13
C MET D 2 17.37 -10.08 -1.06
N ALA D 3 17.74 -11.27 -1.48
CA ALA D 3 18.21 -12.32 -0.58
C ALA D 3 19.57 -11.92 -0.02
N ASP D 4 20.49 -11.57 -0.91
CA ASP D 4 21.84 -11.17 -0.52
C ASP D 4 21.80 -9.96 0.40
N LEU D 5 20.84 -9.07 0.18
CA LEU D 5 20.71 -7.87 1.01
C LEU D 5 20.26 -8.23 2.41
N GLU D 6 19.23 -9.06 2.50
CA GLU D 6 18.71 -9.49 3.80
C GLU D 6 19.84 -10.08 4.64
N GLN D 7 20.72 -10.86 4.02
CA GLN D 7 21.84 -11.48 4.73
C GLN D 7 22.78 -10.42 5.29
N LYS D 8 23.03 -9.38 4.49
CA LYS D 8 23.92 -8.32 4.92
C LYS D 8 23.33 -7.67 6.17
N VAL D 9 22.03 -7.42 6.15
CA VAL D 9 21.39 -6.79 7.30
C VAL D 9 21.59 -7.65 8.54
N LEU D 10 21.25 -8.92 8.44
CA LEU D 10 21.40 -9.85 9.57
C LEU D 10 22.83 -9.86 10.08
N GLU D 11 23.78 -9.75 9.15
CA GLU D 11 25.18 -9.74 9.52
C GLU D 11 25.42 -8.52 10.41
N MET D 12 25.07 -7.35 9.89
CA MET D 12 25.22 -6.09 10.61
C MET D 12 24.51 -6.12 11.94
N GLU D 13 23.34 -6.75 11.95
CA GLU D 13 22.54 -6.85 13.14
C GLU D 13 23.22 -7.69 14.21
N ALA D 14 23.91 -8.75 13.78
CA ALA D 14 24.62 -9.66 14.69
C ALA D 14 26.00 -9.22 15.15
N SER D 15 26.73 -8.53 14.28
CA SER D 15 28.09 -8.09 14.58
C SER D 15 28.26 -7.28 15.85
N THR D 16 29.42 -7.40 16.48
CA THR D 16 29.74 -6.67 17.69
C THR D 16 31.18 -6.21 17.50
N TYR D 17 31.67 -5.28 18.32
CA TYR D 17 33.04 -4.79 18.13
C TYR D 17 33.92 -4.73 19.34
N ASP D 18 33.65 -5.55 20.35
CA ASP D 18 34.50 -5.55 21.53
C ASP D 18 35.03 -6.96 21.83
N GLY D 19 35.05 -7.82 20.83
CA GLY D 19 35.58 -9.16 21.04
C GLY D 19 34.70 -10.08 21.86
N VAL D 20 33.51 -9.61 22.23
CA VAL D 20 32.58 -10.43 22.98
C VAL D 20 31.41 -10.72 22.06
N PHE D 21 31.07 -12.00 21.91
CA PHE D 21 30.00 -12.39 21.01
C PHE D 21 29.12 -13.42 21.68
N ILE D 22 27.82 -13.31 21.45
CA ILE D 22 26.89 -14.28 22.01
C ILE D 22 25.99 -14.75 20.89
N TRP D 23 26.18 -16.01 20.55
CA TRP D 23 25.47 -16.64 19.46
C TRP D 23 24.33 -17.50 19.98
N LYS D 24 23.16 -17.22 19.45
CA LYS D 24 21.96 -17.94 19.83
C LYS D 24 21.56 -18.87 18.71
N ILE D 25 21.41 -20.14 19.03
CA ILE D 25 21.02 -21.08 18.02
C ILE D 25 19.63 -21.57 18.32
N SER D 26 18.70 -21.19 17.45
CA SER D 26 17.30 -21.57 17.58
C SER D 26 17.04 -22.84 16.79
N ASP D 27 15.88 -23.47 17.03
CA ASP D 27 15.54 -24.73 16.37
C ASP D 27 16.71 -25.69 16.59
N PHE D 28 17.07 -25.85 17.86
CA PHE D 28 18.16 -26.70 18.29
C PHE D 28 17.91 -28.12 17.79
N ALA D 29 16.76 -28.69 18.18
CA ALA D 29 16.38 -30.04 17.77
C ALA D 29 16.65 -30.29 16.29
N ARG D 30 16.05 -29.49 15.41
CA ARG D 30 16.27 -29.66 13.98
C ARG D 30 17.75 -29.68 13.60
N LYS D 31 18.46 -28.62 13.95
CA LYS D 31 19.88 -28.49 13.64
C LYS D 31 20.70 -29.60 14.29
N ARG D 32 20.19 -30.14 15.39
CA ARG D 32 20.86 -31.22 16.10
C ARG D 32 20.71 -32.48 15.22
N GLN D 33 19.47 -32.82 14.90
CA GLN D 33 19.17 -33.96 14.04
C GLN D 33 19.92 -33.86 12.71
N GLU D 34 19.71 -32.74 12.02
CA GLU D 34 20.36 -32.47 10.74
C GLU D 34 21.83 -32.73 10.87
N ALA D 35 22.34 -32.55 12.08
CA ALA D 35 23.74 -32.78 12.38
C ALA D 35 24.04 -34.28 12.50
N VAL D 36 23.16 -34.97 13.21
CA VAL D 36 23.27 -36.41 13.42
C VAL D 36 23.22 -37.13 12.06
N ALA D 37 22.12 -36.90 11.34
CA ALA D 37 21.89 -37.49 10.03
C ALA D 37 22.96 -37.20 8.97
N GLY D 38 23.87 -36.25 9.23
CA GLY D 38 24.91 -35.94 8.26
C GLY D 38 24.47 -34.93 7.20
N ARG D 39 23.21 -34.52 7.26
CA ARG D 39 22.68 -33.56 6.31
C ARG D 39 23.37 -32.18 6.46
N ILE D 40 23.51 -31.73 7.70
CA ILE D 40 24.16 -30.44 7.98
C ILE D 40 25.09 -30.62 9.19
N PRO D 41 26.37 -30.92 8.92
CA PRO D 41 27.49 -31.14 9.85
C PRO D 41 27.89 -29.98 10.76
N ALA D 42 28.20 -28.84 10.15
CA ALA D 42 28.62 -27.68 10.89
C ALA D 42 27.84 -26.42 10.50
N ILE D 43 27.80 -25.46 11.43
CA ILE D 43 27.11 -24.20 11.22
C ILE D 43 28.05 -23.03 11.49
N PHE D 44 28.06 -22.05 10.61
CA PHE D 44 28.87 -20.86 10.85
C PHE D 44 27.99 -19.87 11.62
N SER D 45 28.65 -19.00 12.37
CA SER D 45 27.97 -17.98 13.15
C SER D 45 28.30 -16.68 12.47
N PRO D 46 27.48 -15.63 12.70
CA PRO D 46 27.73 -14.32 12.08
C PRO D 46 29.07 -13.76 12.59
N ALA D 47 29.71 -12.91 11.82
CA ALA D 47 30.99 -12.35 12.21
C ALA D 47 30.90 -11.29 13.29
N PHE D 48 32.04 -11.06 13.95
CA PHE D 48 32.16 -10.03 15.01
C PHE D 48 33.61 -9.56 15.02
N TYR D 49 33.93 -8.51 15.79
CA TYR D 49 35.30 -8.00 15.77
C TYR D 49 35.90 -7.68 17.12
N THR D 50 37.22 -7.50 17.15
CA THR D 50 37.93 -7.17 18.37
C THR D 50 37.77 -5.69 18.71
N SER D 51 37.56 -4.88 17.69
CA SER D 51 37.37 -3.43 17.87
C SER D 51 36.74 -2.88 16.58
N ARG D 52 36.36 -1.60 16.59
CA ARG D 52 35.70 -1.03 15.41
C ARG D 52 36.42 -1.38 14.09
N TYR D 53 37.74 -1.32 14.10
CA TYR D 53 38.49 -1.66 12.88
C TYR D 53 39.49 -2.77 13.20
N GLY D 54 39.04 -3.79 13.94
CA GLY D 54 39.91 -4.89 14.31
C GLY D 54 39.77 -6.15 13.49
N TYR D 55 40.15 -7.28 14.09
CA TYR D 55 40.06 -8.56 13.40
C TYR D 55 38.61 -8.99 13.19
N LYS D 56 38.31 -9.58 12.04
CA LYS D 56 36.98 -10.07 11.75
C LYS D 56 37.02 -11.57 12.04
N MET D 57 36.13 -12.04 12.89
CA MET D 57 36.11 -13.44 13.30
C MET D 57 34.70 -14.01 13.28
N CYS D 58 34.60 -15.33 13.37
CA CYS D 58 33.30 -15.97 13.44
C CYS D 58 33.53 -17.33 14.09
N LEU D 59 32.45 -18.09 14.29
CA LEU D 59 32.56 -19.38 14.93
C LEU D 59 31.91 -20.47 14.08
N ARG D 60 32.47 -21.67 14.18
CA ARG D 60 31.93 -22.81 13.46
C ARG D 60 31.71 -23.91 14.51
N ILE D 61 30.55 -24.54 14.45
CA ILE D 61 30.19 -25.56 15.43
C ILE D 61 29.68 -26.88 14.81
N TYR D 62 29.88 -27.98 15.52
CA TYR D 62 29.38 -29.28 15.08
C TYR D 62 28.48 -29.78 16.21
N LEU D 63 27.17 -29.70 16.01
CA LEU D 63 26.23 -30.15 17.03
C LEU D 63 26.37 -31.64 17.26
N ASN D 64 27.28 -32.25 16.52
CA ASN D 64 27.52 -33.68 16.65
C ASN D 64 28.97 -34.02 16.37
N GLY D 65 29.87 -33.26 16.99
CA GLY D 65 31.29 -33.48 16.86
C GLY D 65 31.98 -33.51 15.52
N ASP D 66 33.28 -33.26 15.58
CA ASP D 66 34.17 -33.25 14.43
C ASP D 66 35.46 -33.90 14.93
N GLY D 67 36.18 -34.57 14.02
CA GLY D 67 37.41 -35.24 14.38
C GLY D 67 37.27 -36.07 15.64
N THR D 68 38.22 -35.89 16.56
CA THR D 68 38.24 -36.60 17.83
C THR D 68 36.93 -36.53 18.64
N GLY D 69 35.98 -35.69 18.20
CA GLY D 69 34.73 -35.57 18.93
C GLY D 69 33.51 -36.09 18.20
N ARG D 70 33.66 -36.38 16.91
CA ARG D 70 32.54 -36.87 16.10
C ARG D 70 31.66 -37.91 16.81
N GLY D 71 30.36 -37.87 16.49
CA GLY D 71 29.42 -38.83 17.08
C GLY D 71 29.16 -38.73 18.57
N THR D 72 30.11 -38.18 19.32
CA THR D 72 29.97 -38.09 20.76
C THR D 72 30.00 -36.70 21.38
N HIS D 73 30.83 -35.81 20.83
CA HIS D 73 30.93 -34.45 21.35
C HIS D 73 30.39 -33.33 20.48
N LEU D 74 30.32 -32.14 21.08
CA LEU D 74 29.90 -30.94 20.40
C LEU D 74 31.23 -30.23 20.16
N SER D 75 31.57 -30.02 18.90
CA SER D 75 32.82 -29.37 18.58
C SER D 75 32.52 -27.90 18.30
N LEU D 76 33.39 -27.02 18.79
CA LEU D 76 33.19 -25.59 18.59
C LEU D 76 34.54 -25.02 18.22
N PHE D 77 34.60 -24.36 17.06
CA PHE D 77 35.85 -23.77 16.61
C PHE D 77 35.81 -22.24 16.45
N PHE D 78 37.00 -21.64 16.46
CA PHE D 78 37.19 -20.20 16.29
C PHE D 78 37.62 -19.99 14.85
N VAL D 79 37.15 -18.92 14.20
CA VAL D 79 37.51 -18.67 12.81
C VAL D 79 38.01 -17.23 12.55
N VAL D 80 39.22 -17.12 12.01
CA VAL D 80 39.81 -15.82 11.71
C VAL D 80 39.55 -15.50 10.25
N MET D 81 38.57 -14.64 10.01
CA MET D 81 38.19 -14.26 8.66
C MET D 81 38.99 -13.11 8.11
N LYS D 82 38.88 -12.91 6.79
CA LYS D 82 39.60 -11.83 6.13
C LYS D 82 38.87 -10.53 6.44
N GLY D 83 39.46 -9.71 7.29
CA GLY D 83 38.85 -8.44 7.63
C GLY D 83 39.21 -7.29 6.70
N PRO D 84 38.33 -6.30 6.57
CA PRO D 84 38.54 -5.14 5.70
C PRO D 84 39.73 -4.28 6.15
N ASN D 85 40.24 -4.57 7.35
CA ASN D 85 41.36 -3.81 7.88
C ASN D 85 42.57 -4.68 8.22
N ASP D 86 42.64 -5.88 7.65
CA ASP D 86 43.77 -6.78 7.92
C ASP D 86 45.13 -6.11 7.73
N ALA D 87 45.24 -5.28 6.69
CA ALA D 87 46.50 -4.60 6.40
C ALA D 87 47.00 -3.70 7.52
N LEU D 88 46.13 -3.37 8.47
CA LEU D 88 46.51 -2.51 9.60
C LEU D 88 46.69 -3.28 10.90
N LEU D 89 46.36 -4.56 10.89
CA LEU D 89 46.48 -5.39 12.08
C LEU D 89 47.81 -6.14 12.14
N ARG D 90 48.21 -6.52 13.35
CA ARG D 90 49.46 -7.25 13.56
C ARG D 90 49.26 -8.76 13.45
N TRP D 91 49.95 -9.37 12.49
CA TRP D 91 49.85 -10.82 12.28
C TRP D 91 51.13 -11.53 12.67
N PRO D 92 51.04 -12.82 13.04
CA PRO D 92 49.85 -13.67 13.11
C PRO D 92 48.95 -13.35 14.30
N PHE D 93 47.67 -13.73 14.18
CA PHE D 93 46.68 -13.52 15.23
C PHE D 93 47.22 -14.17 16.50
N ASN D 94 47.47 -13.37 17.53
CA ASN D 94 48.01 -13.91 18.77
C ASN D 94 47.15 -13.51 19.97
N GLN D 95 45.86 -13.76 19.82
CA GLN D 95 44.89 -13.39 20.84
C GLN D 95 44.20 -14.59 21.51
N LYS D 96 44.29 -14.66 22.84
CA LYS D 96 43.65 -15.74 23.59
C LYS D 96 42.13 -15.75 23.38
N VAL D 97 41.58 -16.93 23.14
CA VAL D 97 40.14 -17.08 22.90
C VAL D 97 39.47 -17.94 23.96
N THR D 98 38.32 -17.47 24.45
CA THR D 98 37.54 -18.18 25.46
C THR D 98 36.19 -18.56 24.86
N LEU D 99 35.84 -19.84 24.95
CA LEU D 99 34.57 -20.33 24.43
C LEU D 99 33.75 -20.87 25.58
N MET D 100 32.43 -20.65 25.51
CA MET D 100 31.52 -21.08 26.54
C MET D 100 30.17 -21.52 25.98
N LEU D 101 29.54 -22.47 26.67
CA LEU D 101 28.22 -22.97 26.33
C LEU D 101 27.40 -22.57 27.56
N LEU D 102 26.71 -21.45 27.47
CA LEU D 102 25.95 -20.94 28.61
C LEU D 102 24.82 -21.81 29.18
N ASP D 103 24.80 -21.90 30.51
CA ASP D 103 23.77 -22.66 31.20
C ASP D 103 22.63 -21.72 31.49
N GLN D 104 21.50 -21.91 30.80
CA GLN D 104 20.36 -21.05 30.99
C GLN D 104 19.71 -21.10 32.37
N ASN D 105 20.46 -21.61 33.34
CA ASN D 105 20.06 -21.68 34.75
C ASN D 105 21.26 -21.17 35.53
N ASN D 106 22.18 -20.54 34.80
CA ASN D 106 23.40 -19.96 35.34
C ASN D 106 23.87 -20.72 36.58
N ARG D 107 24.14 -22.01 36.43
CA ARG D 107 24.59 -22.84 37.53
C ARG D 107 25.94 -23.48 37.24
N GLU D 108 26.25 -23.69 35.97
CA GLU D 108 27.52 -24.30 35.59
C GLU D 108 27.69 -24.20 34.08
N HIS D 109 28.45 -23.21 33.65
CA HIS D 109 28.69 -22.99 32.23
C HIS D 109 29.85 -23.86 31.72
N VAL D 110 29.71 -24.41 30.52
CA VAL D 110 30.80 -25.18 29.94
C VAL D 110 31.74 -24.09 29.42
N ILE D 111 32.97 -24.09 29.90
CA ILE D 111 33.93 -23.08 29.47
C ILE D 111 35.26 -23.70 29.07
N ASP D 112 35.88 -23.17 28.03
CA ASP D 112 37.16 -23.68 27.60
C ASP D 112 37.88 -22.49 26.97
N ALA D 113 39.20 -22.56 26.87
CA ALA D 113 39.95 -21.46 26.30
C ALA D 113 41.31 -21.94 25.75
N PHE D 114 41.88 -21.16 24.84
CA PHE D 114 43.16 -21.52 24.24
C PHE D 114 43.88 -20.30 23.68
N ARG D 115 45.21 -20.34 23.67
CA ARG D 115 46.01 -19.25 23.11
C ARG D 115 46.43 -19.70 21.71
N PRO D 116 46.31 -18.82 20.72
CA PRO D 116 46.68 -19.20 19.36
C PRO D 116 48.06 -19.80 19.22
N ASP D 117 48.19 -20.74 18.29
CA ASP D 117 49.44 -21.39 17.99
C ASP D 117 49.98 -20.62 16.79
N VAL D 118 50.82 -19.62 17.08
CA VAL D 118 51.41 -18.74 16.08
C VAL D 118 51.83 -19.43 14.79
N THR D 119 52.35 -20.65 14.90
CA THR D 119 52.82 -21.41 13.75
C THR D 119 51.66 -21.94 12.90
N SER D 120 50.48 -22.05 13.48
CA SER D 120 49.33 -22.57 12.77
C SER D 120 48.85 -21.69 11.62
N SER D 121 48.27 -22.32 10.60
CA SER D 121 47.76 -21.61 9.43
C SER D 121 46.45 -20.88 9.76
N SER D 122 45.87 -21.24 10.89
CA SER D 122 44.61 -20.64 11.31
C SER D 122 44.76 -19.17 11.74
N PHE D 123 45.94 -18.79 12.21
CA PHE D 123 46.13 -17.43 12.69
C PHE D 123 47.06 -16.60 11.84
N GLN D 124 47.15 -16.96 10.57
CA GLN D 124 47.99 -16.25 9.62
C GLN D 124 47.06 -15.27 8.90
N ARG D 125 47.58 -14.12 8.48
CA ARG D 125 46.72 -13.19 7.78
C ARG D 125 46.00 -13.95 6.68
N PRO D 126 44.66 -13.88 6.66
CA PRO D 126 43.83 -14.56 5.68
C PRO D 126 44.11 -14.22 4.22
N VAL D 127 43.99 -15.24 3.37
CA VAL D 127 44.20 -15.12 1.94
C VAL D 127 42.85 -15.42 1.32
N ASN D 128 42.16 -16.37 1.91
CA ASN D 128 40.84 -16.72 1.44
C ASN D 128 39.84 -15.94 2.29
N ASP D 129 38.56 -16.22 2.10
CA ASP D 129 37.53 -15.54 2.85
C ASP D 129 37.69 -15.92 4.32
N MET D 130 38.03 -17.18 4.57
CA MET D 130 38.21 -17.69 5.93
C MET D 130 39.44 -18.58 6.07
N ASN D 131 40.06 -18.58 7.24
CA ASN D 131 41.21 -19.45 7.51
C ASN D 131 40.63 -20.77 7.96
N ILE D 132 41.51 -21.69 8.34
CA ILE D 132 41.07 -22.99 8.80
C ILE D 132 40.59 -22.84 10.22
N ALA D 133 39.37 -23.28 10.48
CA ALA D 133 38.82 -23.20 11.83
C ALA D 133 39.77 -23.92 12.79
N SER D 134 39.71 -23.52 14.05
CA SER D 134 40.55 -24.11 15.07
C SER D 134 39.89 -23.80 16.41
N GLY D 135 39.66 -24.85 17.20
CA GLY D 135 39.02 -24.64 18.49
C GLY D 135 39.07 -25.83 19.42
N CYS D 136 37.91 -26.30 19.84
CA CYS D 136 37.83 -27.42 20.76
C CYS D 136 36.92 -28.54 20.24
N PRO D 137 37.54 -29.59 19.66
CA PRO D 137 36.83 -30.75 19.12
C PRO D 137 36.05 -31.43 20.23
N LEU D 138 36.64 -31.39 21.42
CA LEU D 138 36.04 -32.02 22.59
C LEU D 138 35.47 -30.97 23.54
N PHE D 139 34.93 -29.90 22.98
CA PHE D 139 34.36 -28.83 23.80
C PHE D 139 33.36 -29.34 24.83
N CYS D 140 32.35 -30.09 24.38
CA CYS D 140 31.32 -30.59 25.28
C CYS D 140 30.65 -31.89 24.83
N PRO D 141 30.54 -32.88 25.73
CA PRO D 141 29.91 -34.18 25.46
C PRO D 141 28.41 -34.03 25.23
N VAL D 142 27.91 -34.62 24.16
CA VAL D 142 26.49 -34.57 23.82
C VAL D 142 25.52 -34.74 24.99
N SER D 143 25.78 -35.73 25.83
CA SER D 143 24.93 -36.00 26.98
C SER D 143 24.87 -34.82 27.93
N LYS D 144 25.96 -34.06 27.97
CA LYS D 144 26.08 -32.88 28.83
C LYS D 144 24.87 -31.97 28.57
N MET D 145 24.41 -31.99 27.33
CA MET D 145 23.25 -31.18 26.94
C MET D 145 22.12 -32.05 26.43
N GLU D 146 21.83 -31.95 25.13
CA GLU D 146 20.77 -32.72 24.49
C GLU D 146 19.57 -32.94 25.42
N ALA D 147 19.51 -34.13 26.00
CA ALA D 147 18.46 -34.55 26.92
C ALA D 147 17.62 -33.40 27.53
N LYS D 148 18.12 -32.81 28.60
CA LYS D 148 17.40 -31.71 29.26
C LYS D 148 18.38 -30.76 29.95
N ASN D 149 18.93 -31.21 31.07
CA ASN D 149 19.87 -30.41 31.85
C ASN D 149 19.36 -28.98 31.94
N SER D 150 20.17 -28.02 31.52
CA SER D 150 19.78 -26.60 31.56
C SER D 150 20.48 -25.73 30.51
N TYR D 151 21.10 -26.37 29.52
CA TYR D 151 21.78 -25.63 28.46
C TYR D 151 20.85 -25.41 27.27
N VAL D 152 19.85 -26.28 27.18
CA VAL D 152 18.88 -26.19 26.10
C VAL D 152 17.53 -25.91 26.74
N ARG D 153 17.01 -24.71 26.50
CA ARG D 153 15.72 -24.29 27.04
C ARG D 153 14.94 -23.66 25.89
N ASP D 154 13.64 -23.95 25.84
CA ASP D 154 12.79 -23.46 24.78
C ASP D 154 13.43 -23.73 23.42
N ASP D 155 14.08 -24.90 23.34
CA ASP D 155 14.74 -25.35 22.12
C ASP D 155 15.78 -24.38 21.52
N ALA D 156 16.69 -23.91 22.37
CA ALA D 156 17.74 -22.99 21.92
C ALA D 156 18.90 -22.96 22.91
N ILE D 157 20.11 -22.82 22.39
CA ILE D 157 21.29 -22.74 23.24
C ILE D 157 21.98 -21.40 23.03
N PHE D 158 22.93 -21.08 23.90
CA PHE D 158 23.69 -19.85 23.76
C PHE D 158 25.17 -20.12 23.87
N ILE D 159 25.90 -19.86 22.79
CA ILE D 159 27.35 -20.02 22.74
C ILE D 159 27.91 -18.61 22.92
N LYS D 160 28.93 -18.47 23.75
CA LYS D 160 29.53 -17.17 23.96
C LYS D 160 31.05 -17.24 23.76
N ALA D 161 31.60 -16.26 23.05
CA ALA D 161 33.02 -16.22 22.78
C ALA D 161 33.59 -14.91 23.30
N ILE D 162 34.77 -14.99 23.90
CA ILE D 162 35.44 -13.83 24.45
C ILE D 162 36.89 -13.84 24.01
N VAL D 163 37.22 -12.93 23.09
CA VAL D 163 38.57 -12.82 22.56
C VAL D 163 39.34 -11.80 23.38
N ASP D 164 40.30 -12.27 24.17
CA ASP D 164 41.10 -11.37 25.00
C ASP D 164 41.68 -10.25 24.12
N LEU D 165 41.74 -9.03 24.66
CA LEU D 165 42.23 -7.91 23.88
C LEU D 165 43.55 -7.33 24.33
N THR D 166 44.30 -8.09 25.11
CA THR D 166 45.61 -7.60 25.57
C THR D 166 46.45 -7.24 24.34
N GLY D 167 47.12 -6.10 24.40
CA GLY D 167 47.96 -5.66 23.29
C GLY D 167 47.22 -5.10 22.10
N LEU D 168 45.95 -4.72 22.26
CA LEU D 168 45.19 -4.17 21.14
C LEU D 168 44.52 -2.82 21.48
N ALA E 1 14.06 0.82 -4.79
CA ALA E 1 14.45 1.34 -3.45
C ALA E 1 15.52 0.43 -2.85
N MET E 2 15.71 -0.74 -3.47
CA MET E 2 16.70 -1.70 -3.00
C MET E 2 18.07 -1.06 -3.01
N ALA E 3 18.33 -0.25 -4.04
CA ALA E 3 19.58 0.46 -4.21
C ALA E 3 19.84 1.37 -3.01
N ASP E 4 18.92 2.32 -2.83
CA ASP E 4 19.02 3.27 -1.73
C ASP E 4 19.13 2.54 -0.40
N LEU E 5 18.46 1.38 -0.30
CA LEU E 5 18.47 0.59 0.94
C LEU E 5 19.82 -0.04 1.19
N GLU E 6 20.49 -0.39 0.11
CA GLU E 6 21.82 -0.97 0.20
C GLU E 6 22.79 0.14 0.58
N GLN E 7 22.47 1.37 0.18
CA GLN E 7 23.31 2.51 0.50
C GLN E 7 23.24 2.79 2.00
N LYS E 8 22.02 2.90 2.53
CA LYS E 8 21.81 3.19 3.95
C LYS E 8 22.53 2.18 4.80
N VAL E 9 22.52 0.92 4.36
CA VAL E 9 23.15 -0.17 5.08
C VAL E 9 24.67 -0.01 5.16
N LEU E 10 25.28 0.31 4.01
CA LEU E 10 26.74 0.52 3.96
C LEU E 10 27.14 1.73 4.80
N GLU E 11 26.33 2.79 4.77
CA GLU E 11 26.64 3.98 5.56
C GLU E 11 26.59 3.61 7.05
N MET E 12 25.52 2.95 7.48
CA MET E 12 25.40 2.54 8.88
C MET E 12 26.59 1.65 9.21
N GLU E 13 26.89 0.76 8.29
CA GLU E 13 28.00 -0.17 8.46
C GLU E 13 29.30 0.57 8.73
N ALA E 14 29.48 1.72 8.10
CA ALA E 14 30.71 2.49 8.25
C ALA E 14 30.75 3.53 9.37
N SER E 15 29.59 4.05 9.76
CA SER E 15 29.55 5.08 10.80
C SER E 15 30.19 4.70 12.14
N THR E 16 30.70 5.71 12.84
CA THR E 16 31.33 5.53 14.14
C THR E 16 30.85 6.67 15.03
N TYR E 17 30.89 6.48 16.35
CA TYR E 17 30.38 7.52 17.24
C TYR E 17 31.29 7.99 18.35
N ASP E 18 32.58 8.09 18.07
CA ASP E 18 33.50 8.56 19.09
C ASP E 18 34.51 9.55 18.50
N GLY E 19 34.15 10.11 17.35
CA GLY E 19 35.01 11.09 16.71
C GLY E 19 36.26 10.54 16.03
N VAL E 20 36.39 9.21 15.99
CA VAL E 20 37.51 8.56 15.35
C VAL E 20 37.00 7.79 14.16
N PHE E 21 37.50 8.14 12.97
CA PHE E 21 37.05 7.50 11.76
C PHE E 21 38.22 7.03 10.88
N ILE E 22 38.11 5.82 10.34
CA ILE E 22 39.14 5.29 9.47
C ILE E 22 38.48 4.99 8.14
N TRP E 23 38.91 5.72 7.11
CA TRP E 23 38.35 5.59 5.79
C TRP E 23 39.27 4.83 4.86
N LYS E 24 38.78 3.69 4.40
CA LYS E 24 39.54 2.86 3.48
C LYS E 24 39.07 3.13 2.06
N ILE E 25 39.99 3.54 1.20
CA ILE E 25 39.68 3.80 -0.20
C ILE E 25 40.35 2.75 -1.08
N SER E 26 39.54 1.83 -1.57
CA SER E 26 40.02 0.75 -2.43
C SER E 26 39.95 1.16 -3.90
N ASP E 27 40.64 0.40 -4.76
CA ASP E 27 40.70 0.73 -6.18
C ASP E 27 41.33 2.10 -6.26
N PHE E 28 42.38 2.29 -5.47
CA PHE E 28 43.06 3.55 -5.44
C PHE E 28 43.45 3.98 -6.84
N ALA E 29 44.16 3.10 -7.54
CA ALA E 29 44.63 3.36 -8.90
C ALA E 29 43.56 4.00 -9.79
N ARG E 30 42.46 3.27 -9.96
CA ARG E 30 41.33 3.73 -10.77
C ARG E 30 40.86 5.12 -10.34
N LYS E 31 40.38 5.21 -9.11
CA LYS E 31 39.89 6.46 -8.55
C LYS E 31 40.91 7.59 -8.69
N ARG E 32 42.18 7.22 -8.60
CA ARG E 32 43.29 8.16 -8.71
C ARG E 32 43.24 8.76 -10.12
N GLN E 33 43.15 7.88 -11.12
CA GLN E 33 43.08 8.28 -12.51
C GLN E 33 41.87 9.16 -12.74
N GLU E 34 40.69 8.58 -12.46
CA GLU E 34 39.43 9.29 -12.62
C GLU E 34 39.58 10.72 -12.09
N ALA E 35 40.39 10.90 -11.06
CA ALA E 35 40.62 12.22 -10.51
C ALA E 35 41.48 12.99 -11.51
N VAL E 36 42.57 12.36 -11.94
CA VAL E 36 43.48 12.96 -12.91
C VAL E 36 42.75 13.41 -14.16
N ALA E 37 41.91 12.52 -14.67
CA ALA E 37 41.15 12.79 -15.87
C ALA E 37 40.12 13.91 -15.67
N GLY E 38 39.89 14.27 -14.41
CA GLY E 38 38.90 15.29 -14.13
C GLY E 38 37.49 14.73 -14.14
N ARG E 39 37.36 13.42 -14.42
CA ARG E 39 36.05 12.75 -14.44
C ARG E 39 35.37 12.82 -13.06
N ILE E 40 36.12 12.44 -12.02
CA ILE E 40 35.60 12.46 -10.66
C ILE E 40 36.68 13.03 -9.74
N PRO E 41 36.73 14.37 -9.63
CA PRO E 41 37.70 15.09 -8.80
C PRO E 41 37.70 14.78 -7.31
N ALA E 42 36.53 14.80 -6.70
CA ALA E 42 36.43 14.54 -5.26
C ALA E 42 35.61 13.32 -4.88
N ILE E 43 35.82 12.86 -3.65
CA ILE E 43 35.11 11.69 -3.12
C ILE E 43 34.71 11.94 -1.66
N PHE E 44 33.43 11.78 -1.35
CA PHE E 44 32.97 11.95 0.02
C PHE E 44 33.08 10.63 0.76
N SER E 45 33.41 10.70 2.05
CA SER E 45 33.50 9.50 2.87
C SER E 45 32.15 9.32 3.57
N PRO E 46 31.89 8.13 4.13
CA PRO E 46 30.63 7.88 4.84
C PRO E 46 30.61 8.79 6.05
N ALA E 47 29.47 8.95 6.70
CA ALA E 47 29.39 9.81 7.87
C ALA E 47 29.85 9.16 9.17
N PHE E 48 30.25 9.99 10.13
CA PHE E 48 30.68 9.51 11.43
C PHE E 48 30.38 10.63 12.43
N TYR E 49 30.27 10.30 13.71
CA TYR E 49 29.87 11.31 14.70
C TYR E 49 30.80 11.42 15.89
N THR E 50 30.63 12.50 16.66
CA THR E 50 31.45 12.74 17.85
C THR E 50 30.93 11.99 19.06
N SER E 51 29.71 11.45 18.91
CA SER E 51 29.03 10.69 19.95
C SER E 51 27.73 10.16 19.35
N ARG E 52 27.05 9.30 20.08
CA ARG E 52 25.81 8.68 19.62
C ARG E 52 24.83 9.74 19.10
N TYR E 53 24.74 10.88 19.79
CA TYR E 53 23.87 11.97 19.36
C TYR E 53 24.64 13.29 19.24
N GLY E 54 25.82 13.23 18.64
CA GLY E 54 26.62 14.43 18.49
C GLY E 54 26.65 14.92 17.05
N TYR E 55 27.69 15.68 16.73
CA TYR E 55 27.82 16.23 15.39
C TYR E 55 28.01 15.15 14.34
N LYS E 56 27.47 15.40 13.16
CA LYS E 56 27.61 14.49 12.04
C LYS E 56 28.70 15.10 11.14
N MET E 57 29.65 14.28 10.71
CA MET E 57 30.75 14.76 9.88
C MET E 57 31.11 13.76 8.81
N CYS E 58 31.86 14.21 7.83
CA CYS E 58 32.37 13.33 6.78
C CYS E 58 33.58 14.00 6.15
N LEU E 59 34.33 13.24 5.38
CA LEU E 59 35.54 13.77 4.75
C LEU E 59 35.40 13.87 3.24
N ARG E 60 36.12 14.83 2.66
CA ARG E 60 36.10 15.00 1.22
C ARG E 60 37.54 15.06 0.76
N ILE E 61 37.87 14.19 -0.18
CA ILE E 61 39.23 14.10 -0.66
C ILE E 61 39.37 14.32 -2.15
N TYR E 62 40.49 14.90 -2.55
CA TYR E 62 40.80 15.12 -3.95
C TYR E 62 42.05 14.32 -4.17
N LEU E 63 41.90 13.12 -4.71
CA LEU E 63 43.05 12.26 -4.94
C LEU E 63 44.10 12.93 -5.80
N ASN E 64 43.69 13.95 -6.55
CA ASN E 64 44.61 14.68 -7.40
C ASN E 64 44.45 16.17 -7.15
N GLY E 65 44.50 16.53 -5.88
CA GLY E 65 44.42 17.92 -5.45
C GLY E 65 43.32 18.86 -5.89
N ASP E 66 43.18 19.91 -5.10
CA ASP E 66 42.21 20.97 -5.30
C ASP E 66 42.89 22.29 -4.93
N GLY E 67 42.40 23.37 -5.52
CA GLY E 67 42.96 24.67 -5.22
C GLY E 67 44.47 24.71 -5.29
N THR E 68 45.10 25.36 -4.30
CA THR E 68 46.55 25.48 -4.28
C THR E 68 47.30 24.14 -4.37
N GLY E 69 46.56 23.04 -4.42
CA GLY E 69 47.19 21.73 -4.50
C GLY E 69 46.85 20.93 -5.74
N ARG E 70 46.04 21.51 -6.62
CA ARG E 70 45.63 20.82 -7.84
C ARG E 70 46.78 20.22 -8.66
N GLY E 71 46.59 18.99 -9.12
CA GLY E 71 47.60 18.32 -9.92
C GLY E 71 48.87 17.90 -9.22
N THR E 72 49.24 18.56 -8.14
CA THR E 72 50.47 18.22 -7.43
C THR E 72 50.27 17.60 -6.06
N HIS E 73 49.19 17.97 -5.38
CA HIS E 73 48.93 17.43 -4.05
C HIS E 73 47.67 16.60 -3.92
N LEU E 74 47.49 16.05 -2.73
CA LEU E 74 46.31 15.27 -2.41
C LEU E 74 45.60 16.19 -1.42
N SER E 75 44.38 16.62 -1.76
CA SER E 75 43.65 17.51 -0.87
C SER E 75 42.60 16.79 -0.02
N LEU E 76 42.69 16.98 1.29
CA LEU E 76 41.78 16.32 2.23
C LEU E 76 41.01 17.36 3.03
N PHE E 77 39.69 17.27 3.01
CA PHE E 77 38.86 18.23 3.76
C PHE E 77 37.88 17.60 4.76
N PHE E 78 37.55 18.39 5.77
CA PHE E 78 36.62 18.03 6.82
C PHE E 78 35.25 18.58 6.47
N VAL E 79 34.20 17.81 6.72
CA VAL E 79 32.85 18.27 6.39
C VAL E 79 31.82 18.16 7.51
N VAL E 80 31.33 19.32 7.96
CA VAL E 80 30.30 19.35 9.00
C VAL E 80 28.96 19.21 8.28
N MET E 81 28.27 18.11 8.54
CA MET E 81 26.99 17.86 7.89
C MET E 81 25.84 18.15 8.83
N LYS E 82 24.64 18.25 8.27
CA LYS E 82 23.47 18.51 9.07
C LYS E 82 23.11 17.24 9.80
N GLY E 83 23.27 17.27 11.12
CA GLY E 83 22.95 16.12 11.94
C GLY E 83 21.51 16.17 12.44
N PRO E 84 20.93 15.02 12.76
CA PRO E 84 19.56 14.96 13.26
C PRO E 84 19.44 15.57 14.64
N ASN E 85 20.57 15.77 15.31
CA ASN E 85 20.55 16.33 16.66
C ASN E 85 21.21 17.71 16.77
N ASP E 86 21.42 18.37 15.65
CA ASP E 86 22.06 19.68 15.65
C ASP E 86 21.49 20.66 16.68
N ALA E 87 20.17 20.75 16.77
CA ALA E 87 19.54 21.67 17.71
C ALA E 87 20.01 21.50 19.15
N LEU E 88 20.59 20.35 19.48
CA LEU E 88 21.05 20.13 20.85
C LEU E 88 22.54 20.36 21.01
N LEU E 89 23.20 20.70 19.92
CA LEU E 89 24.66 20.91 19.93
C LEU E 89 25.09 22.35 19.94
N ARG E 90 26.25 22.61 20.53
CA ARG E 90 26.78 23.96 20.58
C ARG E 90 27.35 24.40 19.24
N TRP E 91 26.99 25.60 18.79
CA TRP E 91 27.51 26.13 17.54
C TRP E 91 28.15 27.48 17.79
N PRO E 92 29.12 27.85 16.95
CA PRO E 92 29.63 27.07 15.82
C PRO E 92 30.43 25.83 16.26
N PHE E 93 30.77 24.98 15.30
CA PHE E 93 31.55 23.78 15.58
C PHE E 93 32.94 24.22 16.02
N ASN E 94 33.36 23.83 17.21
CA ASN E 94 34.65 24.28 17.70
C ASN E 94 35.59 23.18 18.24
N GLN E 95 35.71 22.09 17.52
CA GLN E 95 36.59 21.01 17.98
C GLN E 95 37.81 20.88 17.09
N LYS E 96 38.93 20.48 17.66
CA LYS E 96 40.12 20.30 16.86
C LYS E 96 39.96 19.07 15.97
N VAL E 97 40.47 19.15 14.75
CA VAL E 97 40.36 18.04 13.83
C VAL E 97 41.76 17.60 13.35
N THR E 98 42.05 16.32 13.52
CA THR E 98 43.32 15.76 13.10
C THR E 98 43.09 14.82 11.93
N LEU E 99 43.79 15.05 10.83
CA LEU E 99 43.66 14.23 9.63
C LEU E 99 44.99 13.53 9.41
N MET E 100 44.92 12.26 9.04
CA MET E 100 46.11 11.45 8.84
C MET E 100 46.02 10.57 7.60
N LEU E 101 47.18 10.26 7.01
CA LEU E 101 47.26 9.36 5.87
C LEU E 101 48.07 8.23 6.46
N LEU E 102 47.45 7.09 6.65
CA LEU E 102 48.17 6.00 7.26
C LEU E 102 49.20 5.31 6.37
N ASP E 103 50.36 5.09 6.96
CA ASP E 103 51.45 4.41 6.29
C ASP E 103 51.32 2.96 6.71
N GLN E 104 50.98 2.11 5.75
CA GLN E 104 50.81 0.68 6.00
C GLN E 104 52.11 -0.05 6.33
N ASN E 105 53.17 0.72 6.53
CA ASN E 105 54.47 0.16 6.94
C ASN E 105 54.81 0.83 8.27
N ASN E 106 53.80 1.53 8.80
CA ASN E 106 53.87 2.24 10.07
C ASN E 106 55.29 2.72 10.36
N ARG E 107 55.75 3.70 9.60
CA ARG E 107 57.09 4.24 9.78
C ARG E 107 57.06 5.76 9.78
N GLU E 108 55.90 6.32 9.41
CA GLU E 108 55.70 7.75 9.37
C GLU E 108 54.37 8.04 8.68
N HIS E 109 53.37 8.38 9.46
CA HIS E 109 52.06 8.71 8.89
C HIS E 109 52.07 10.16 8.49
N VAL E 110 51.26 10.49 7.49
CA VAL E 110 51.15 11.88 7.07
C VAL E 110 50.06 12.45 7.99
N ILE E 111 50.47 13.33 8.91
CA ILE E 111 49.54 13.92 9.85
C ILE E 111 49.50 15.43 9.75
N ASP E 112 48.38 16.01 10.17
CA ASP E 112 48.19 17.45 10.15
C ASP E 112 46.96 17.73 10.99
N ALA E 113 46.85 18.94 11.55
CA ALA E 113 45.71 19.29 12.38
C ALA E 113 45.30 20.75 12.25
N PHE E 114 44.12 21.08 12.78
CA PHE E 114 43.62 22.45 12.74
C PHE E 114 42.45 22.68 13.69
N ARG E 115 42.35 23.91 14.20
CA ARG E 115 41.27 24.31 15.10
C ARG E 115 40.28 25.00 14.16
N PRO E 116 38.97 24.81 14.37
CA PRO E 116 37.99 25.46 13.50
C PRO E 116 38.04 26.99 13.60
N ASP E 117 37.89 27.65 12.46
CA ASP E 117 37.86 29.12 12.43
C ASP E 117 36.41 29.54 12.66
N VAL E 118 36.08 29.79 13.92
CA VAL E 118 34.73 30.17 14.33
C VAL E 118 33.96 31.15 13.43
N THR E 119 34.67 31.94 12.62
CA THR E 119 33.98 32.88 11.73
C THR E 119 33.63 32.28 10.38
N SER E 120 34.10 31.06 10.12
CA SER E 120 33.83 30.39 8.84
C SER E 120 32.41 29.85 8.74
N SER E 121 31.94 29.69 7.51
CA SER E 121 30.60 29.20 7.24
C SER E 121 30.60 27.68 7.18
N SER E 122 31.76 27.10 7.47
CA SER E 122 31.86 25.65 7.44
C SER E 122 31.73 25.09 8.85
N PHE E 123 31.73 25.98 9.84
CA PHE E 123 31.59 25.54 11.22
C PHE E 123 30.36 26.09 11.91
N GLN E 124 29.47 26.66 11.11
CA GLN E 124 28.22 27.20 11.63
C GLN E 124 27.19 26.09 11.54
N ARG E 125 26.09 26.23 12.28
CA ARG E 125 25.07 25.19 12.21
C ARG E 125 24.60 25.05 10.77
N PRO E 126 24.65 23.82 10.23
CA PRO E 126 24.24 23.53 8.86
C PRO E 126 22.83 24.00 8.48
N VAL E 127 22.69 24.41 7.22
CA VAL E 127 21.41 24.83 6.66
C VAL E 127 21.15 23.88 5.51
N ASN E 128 22.22 23.57 4.78
CA ASN E 128 22.12 22.63 3.67
C ASN E 128 22.53 21.27 4.20
N ASP E 129 22.43 20.25 3.37
CA ASP E 129 22.79 18.92 3.79
C ASP E 129 24.25 18.88 4.29
N MET E 130 25.10 19.70 3.67
CA MET E 130 26.51 19.78 4.02
C MET E 130 27.01 21.21 4.01
N ASN E 131 27.92 21.55 4.91
CA ASN E 131 28.49 22.90 4.91
C ASN E 131 29.61 22.89 3.87
N ILE E 132 30.40 23.95 3.85
CA ILE E 132 31.50 24.04 2.93
C ILE E 132 32.71 23.36 3.55
N ALA E 133 33.26 22.36 2.86
CA ALA E 133 34.43 21.63 3.38
C ALA E 133 35.65 22.53 3.55
N SER E 134 36.45 22.25 4.56
CA SER E 134 37.65 23.02 4.75
C SER E 134 38.65 22.14 5.48
N GLY E 135 39.92 22.33 5.17
CA GLY E 135 40.94 21.51 5.81
C GLY E 135 42.33 21.77 5.28
N CYS E 136 42.86 20.78 4.55
CA CYS E 136 44.22 20.87 4.04
C CYS E 136 44.39 20.61 2.55
N PRO E 137 44.40 21.68 1.73
CA PRO E 137 44.55 21.60 0.28
C PRO E 137 45.88 20.95 -0.08
N LEU E 138 46.89 21.25 0.73
CA LEU E 138 48.23 20.72 0.54
C LEU E 138 48.51 19.63 1.59
N PHE E 139 47.56 18.71 1.79
CA PHE E 139 47.71 17.66 2.79
C PHE E 139 48.90 16.72 2.57
N CYS E 140 49.08 16.25 1.35
CA CYS E 140 50.18 15.34 1.06
C CYS E 140 50.53 15.34 -0.44
N PRO E 141 51.83 15.51 -0.77
CA PRO E 141 52.35 15.53 -2.14
C PRO E 141 52.07 14.23 -2.88
N VAL E 142 51.54 14.34 -4.09
CA VAL E 142 51.23 13.15 -4.89
C VAL E 142 52.37 12.15 -4.92
N SER E 143 53.59 12.65 -5.09
CA SER E 143 54.78 11.81 -5.17
C SER E 143 55.06 11.10 -3.85
N LYS E 144 54.61 11.70 -2.76
CA LYS E 144 54.77 11.16 -1.40
C LYS E 144 54.11 9.78 -1.29
N MET E 145 53.22 9.48 -2.24
CA MET E 145 52.51 8.21 -2.27
C MET E 145 52.58 7.56 -3.66
N GLU E 146 51.50 7.70 -4.41
CA GLU E 146 51.36 7.15 -5.77
C GLU E 146 52.32 6.00 -6.04
N ALA E 147 53.37 6.30 -6.83
CA ALA E 147 54.41 5.34 -7.22
C ALA E 147 54.40 4.02 -6.43
N LYS E 148 54.91 4.05 -5.21
CA LYS E 148 54.96 2.86 -4.35
C LYS E 148 55.03 3.26 -2.87
N ASN E 149 56.25 3.55 -2.40
CA ASN E 149 56.46 3.95 -1.02
C ASN E 149 55.80 2.93 -0.07
N SER E 150 54.98 3.42 0.84
CA SER E 150 54.30 2.54 1.80
C SER E 150 52.93 3.02 2.31
N TYR E 151 52.31 3.96 1.60
CA TYR E 151 51.00 4.44 2.00
C TYR E 151 49.94 3.69 1.18
N VAL E 152 50.32 3.29 -0.02
CA VAL E 152 49.44 2.54 -0.91
C VAL E 152 49.87 1.08 -0.90
N ARG E 153 49.03 0.19 -0.39
CA ARG E 153 49.34 -1.23 -0.38
C ARG E 153 48.12 -1.99 -0.86
N ASP E 154 48.35 -2.95 -1.75
CA ASP E 154 47.25 -3.75 -2.30
C ASP E 154 46.22 -2.83 -2.94
N ASP E 155 46.71 -1.77 -3.59
CA ASP E 155 45.86 -0.81 -4.28
C ASP E 155 44.79 -0.16 -3.41
N ALA E 156 45.19 0.23 -2.20
CA ALA E 156 44.27 0.87 -1.27
C ALA E 156 45.01 1.77 -0.29
N ILE E 157 44.31 2.73 0.28
CA ILE E 157 44.92 3.63 1.24
C ILE E 157 43.96 3.83 2.40
N PHE E 158 44.49 4.30 3.52
CA PHE E 158 43.67 4.54 4.68
C PHE E 158 43.81 5.94 5.17
N ILE E 159 42.66 6.61 5.27
CA ILE E 159 42.58 7.97 5.77
C ILE E 159 41.97 7.82 7.14
N LYS E 160 42.51 8.52 8.13
CA LYS E 160 41.97 8.45 9.47
C LYS E 160 41.76 9.84 10.04
N ALA E 161 40.58 10.06 10.64
CA ALA E 161 40.25 11.35 11.23
C ALA E 161 40.04 11.19 12.73
N ILE E 162 40.45 12.21 13.48
CA ILE E 162 40.33 12.22 14.92
C ILE E 162 39.84 13.58 15.41
N VAL E 163 38.54 13.67 15.70
CA VAL E 163 37.92 14.90 16.18
C VAL E 163 38.06 14.99 17.70
N ASP E 164 38.83 15.97 18.15
CA ASP E 164 39.05 16.15 19.58
C ASP E 164 37.69 16.28 20.25
N LEU E 165 37.52 15.65 21.42
CA LEU E 165 36.23 15.73 22.09
C LEU E 165 36.22 16.61 23.34
N THR E 166 37.20 17.50 23.45
CA THR E 166 37.26 18.39 24.60
C THR E 166 36.00 19.24 24.65
N GLY E 167 35.34 19.25 25.80
CA GLY E 167 34.13 20.03 25.98
C GLY E 167 32.87 19.33 25.51
N LEU E 168 32.96 18.05 25.18
CA LEU E 168 31.78 17.29 24.71
C LEU E 168 31.48 16.08 25.59
N ALA F 1 7.92 -7.40 1.19
CA ALA F 1 8.95 -7.53 2.26
C ALA F 1 9.84 -6.29 2.31
N MET F 2 9.96 -5.60 1.19
CA MET F 2 10.78 -4.39 1.10
C MET F 2 10.36 -3.38 2.18
N ALA F 3 9.06 -3.35 2.45
CA ALA F 3 8.51 -2.44 3.46
C ALA F 3 9.04 -2.85 4.83
N ASP F 4 8.85 -4.12 5.17
CA ASP F 4 9.29 -4.65 6.46
C ASP F 4 10.82 -4.61 6.53
N LEU F 5 11.47 -4.79 5.39
CA LEU F 5 12.92 -4.77 5.34
C LEU F 5 13.51 -3.39 5.63
N GLU F 6 12.84 -2.35 5.12
CA GLU F 6 13.29 -0.99 5.38
C GLU F 6 13.03 -0.73 6.88
N GLN F 7 11.92 -1.27 7.38
CA GLN F 7 11.54 -1.11 8.78
C GLN F 7 12.66 -1.60 9.70
N LYS F 8 13.16 -2.81 9.41
CA LYS F 8 14.23 -3.40 10.19
C LYS F 8 15.47 -2.50 10.22
N VAL F 9 15.86 -2.02 9.05
CA VAL F 9 17.03 -1.14 8.94
C VAL F 9 16.88 0.15 9.76
N LEU F 10 15.68 0.74 9.73
CA LEU F 10 15.44 1.95 10.52
C LEU F 10 15.52 1.63 12.00
N GLU F 11 14.96 0.48 12.38
CA GLU F 11 15.00 0.08 13.79
C GLU F 11 16.47 -0.08 14.18
N MET F 12 17.24 -0.72 13.30
CA MET F 12 18.66 -0.93 13.55
C MET F 12 19.37 0.42 13.68
N GLU F 13 19.04 1.32 12.76
CA GLU F 13 19.63 2.63 12.75
C GLU F 13 19.42 3.38 14.06
N ALA F 14 18.22 3.28 14.62
CA ALA F 14 17.91 3.98 15.86
C ALA F 14 18.37 3.33 17.16
N SER F 15 18.58 2.01 17.16
CA SER F 15 19.00 1.31 18.38
C SER F 15 20.33 1.71 19.01
N THR F 16 20.38 1.70 20.34
CA THR F 16 21.61 2.01 21.07
C THR F 16 21.80 0.84 22.05
N TYR F 17 22.98 0.73 22.65
CA TYR F 17 23.23 -0.37 23.57
C TYR F 17 23.93 0.01 24.85
N ASP F 18 23.64 1.21 25.35
CA ASP F 18 24.24 1.65 26.59
C ASP F 18 23.18 2.24 27.50
N GLY F 19 21.91 1.90 27.23
CA GLY F 19 20.84 2.41 28.05
C GLY F 19 20.52 3.90 27.95
N VAL F 20 21.09 4.57 26.96
CA VAL F 20 20.84 5.98 26.76
C VAL F 20 20.18 6.08 25.42
N PHE F 21 19.03 6.76 25.37
CA PHE F 21 18.28 6.87 24.13
C PHE F 21 17.75 8.30 23.97
N ILE F 22 17.79 8.79 22.72
CA ILE F 22 17.27 10.11 22.42
C ILE F 22 16.33 9.97 21.27
N TRP F 23 15.06 10.17 21.59
CA TRP F 23 13.98 10.04 20.63
C TRP F 23 13.64 11.41 20.10
N LYS F 24 13.64 11.53 18.79
CA LYS F 24 13.34 12.78 18.13
C LYS F 24 12.00 12.60 17.45
N ILE F 25 11.06 13.50 17.73
CA ILE F 25 9.74 13.41 17.14
C ILE F 25 9.47 14.60 16.23
N SER F 26 9.55 14.33 14.92
CA SER F 26 9.31 15.34 13.90
C SER F 26 7.80 15.42 13.67
N ASP F 27 7.38 16.45 12.94
CA ASP F 27 5.96 16.67 12.66
C ASP F 27 5.23 16.72 13.98
N PHE F 28 5.80 17.43 14.95
CA PHE F 28 5.20 17.54 16.25
C PHE F 28 3.75 18.00 16.14
N ALA F 29 3.57 19.18 15.54
CA ALA F 29 2.25 19.77 15.35
C ALA F 29 1.21 18.76 14.86
N ARG F 30 1.49 18.13 13.72
CA ARG F 30 0.58 17.16 13.14
C ARG F 30 0.26 16.04 14.12
N LYS F 31 1.30 15.33 14.59
CA LYS F 31 1.14 14.22 15.52
C LYS F 31 0.50 14.66 16.83
N ARG F 32 0.71 15.93 17.18
CA ARG F 32 0.17 16.51 18.40
C ARG F 32 -1.34 16.66 18.21
N GLN F 33 -1.71 17.02 16.98
CA GLN F 33 -3.09 17.20 16.59
C GLN F 33 -3.81 15.87 16.47
N GLU F 34 -3.14 14.91 15.83
CA GLU F 34 -3.68 13.56 15.65
C GLU F 34 -3.99 12.95 17.01
N ALA F 35 -3.29 13.43 18.03
CA ALA F 35 -3.50 12.93 19.39
C ALA F 35 -4.78 13.56 19.99
N VAL F 36 -4.98 14.84 19.70
CA VAL F 36 -6.15 15.56 20.19
C VAL F 36 -7.42 15.00 19.55
N ALA F 37 -7.41 14.89 18.23
CA ALA F 37 -8.56 14.37 17.50
C ALA F 37 -8.88 12.93 17.93
N GLY F 38 -7.93 12.28 18.56
CA GLY F 38 -8.15 10.90 18.98
C GLY F 38 -7.80 9.90 17.89
N ARG F 39 -7.34 10.41 16.74
CA ARG F 39 -6.97 9.57 15.61
C ARG F 39 -5.78 8.66 15.95
N ILE F 40 -4.73 9.24 16.53
CA ILE F 40 -3.52 8.51 16.90
C ILE F 40 -3.03 8.98 18.28
N PRO F 41 -3.66 8.48 19.35
CA PRO F 41 -3.33 8.81 20.74
C PRO F 41 -1.92 8.49 21.26
N ALA F 42 -1.34 7.37 20.84
CA ALA F 42 -0.01 7.02 21.34
C ALA F 42 1.01 6.75 20.23
N ILE F 43 2.28 6.91 20.59
CA ILE F 43 3.38 6.68 19.64
C ILE F 43 4.52 5.87 20.27
N PHE F 44 4.89 4.77 19.63
CA PHE F 44 5.99 3.94 20.10
C PHE F 44 7.31 4.47 19.59
N SER F 45 8.36 4.37 20.39
CA SER F 45 9.69 4.80 19.96
C SER F 45 10.42 3.52 19.52
N PRO F 46 11.49 3.67 18.73
CA PRO F 46 12.23 2.49 18.29
C PRO F 46 12.85 1.88 19.54
N ALA F 47 13.18 0.60 19.52
CA ALA F 47 13.78 -0.06 20.68
C ALA F 47 15.26 0.31 20.91
N PHE F 48 15.72 0.08 22.14
CA PHE F 48 17.11 0.32 22.52
C PHE F 48 17.43 -0.64 23.65
N TYR F 49 18.71 -0.73 24.05
CA TYR F 49 19.12 -1.70 25.09
C TYR F 49 20.04 -1.22 26.17
N THR F 50 20.19 -2.03 27.22
CA THR F 50 21.08 -1.69 28.31
C THR F 50 22.49 -2.10 27.96
N SER F 51 22.61 -3.10 27.09
CA SER F 51 23.93 -3.58 26.67
C SER F 51 23.75 -4.33 25.38
N ARG F 52 24.86 -4.67 24.72
CA ARG F 52 24.80 -5.36 23.44
C ARG F 52 23.88 -6.58 23.49
N TYR F 53 23.83 -7.25 24.63
CA TYR F 53 22.94 -8.42 24.80
C TYR F 53 22.06 -8.27 26.05
N GLY F 54 21.70 -7.02 26.36
CA GLY F 54 20.89 -6.71 27.52
C GLY F 54 19.40 -6.64 27.28
N TYR F 55 18.70 -5.90 28.13
CA TYR F 55 17.26 -5.76 27.97
C TYR F 55 16.88 -4.91 26.77
N LYS F 56 15.80 -5.31 26.10
CA LYS F 56 15.27 -4.57 24.97
C LYS F 56 14.12 -3.71 25.49
N MET F 57 14.23 -2.41 25.32
CA MET F 57 13.22 -1.47 25.81
C MET F 57 12.80 -0.47 24.73
N CYS F 58 11.75 0.29 25.03
CA CYS F 58 11.30 1.35 24.14
C CYS F 58 10.39 2.30 24.93
N LEU F 59 9.93 3.34 24.27
CA LEU F 59 9.08 4.31 24.91
C LEU F 59 7.74 4.40 24.21
N ARG F 60 6.76 4.93 24.93
CA ARG F 60 5.42 5.14 24.40
C ARG F 60 5.02 6.51 24.93
N ILE F 61 4.59 7.39 24.04
CA ILE F 61 4.21 8.74 24.44
C ILE F 61 2.80 9.11 23.99
N TYR F 62 2.09 9.84 24.85
CA TYR F 62 0.75 10.33 24.53
C TYR F 62 0.88 11.84 24.48
N LEU F 63 0.97 12.40 23.28
CA LEU F 63 1.14 13.84 23.15
C LEU F 63 -0.02 14.62 23.75
N ASN F 64 -1.07 13.91 24.13
CA ASN F 64 -2.20 14.58 24.72
C ASN F 64 -2.72 13.86 25.95
N GLY F 65 -1.83 13.14 26.62
CA GLY F 65 -2.17 12.45 27.86
C GLY F 65 -2.87 11.10 27.86
N ASP F 66 -2.64 10.36 28.94
CA ASP F 66 -3.23 9.04 29.18
C ASP F 66 -3.63 9.04 30.64
N GLY F 67 -4.71 8.30 30.96
CA GLY F 67 -5.16 8.23 32.33
C GLY F 67 -5.31 9.61 32.96
N THR F 68 -4.80 9.75 34.18
CA THR F 68 -4.90 11.01 34.90
C THR F 68 -4.37 12.22 34.16
N GLY F 69 -3.68 11.98 33.02
CA GLY F 69 -3.14 13.09 32.26
C GLY F 69 -3.87 13.42 30.97
N ARG F 70 -4.88 12.62 30.62
CA ARG F 70 -5.64 12.83 29.40
C ARG F 70 -6.06 14.30 29.17
N GLY F 71 -6.04 14.71 27.90
CA GLY F 71 -6.45 16.07 27.55
C GLY F 71 -5.67 17.23 28.13
N THR F 72 -4.92 16.99 29.21
CA THR F 72 -4.15 18.07 29.83
C THR F 72 -2.63 17.90 29.82
N HIS F 73 -2.15 16.69 30.03
CA HIS F 73 -0.71 16.41 30.07
C HIS F 73 -0.13 15.59 28.92
N LEU F 74 1.19 15.63 28.81
CA LEU F 74 1.90 14.85 27.82
C LEU F 74 2.27 13.66 28.68
N SER F 75 1.90 12.46 28.22
CA SER F 75 2.19 11.25 28.99
C SER F 75 3.32 10.42 28.35
N LEU F 76 4.32 10.12 29.17
CA LEU F 76 5.49 9.36 28.74
C LEU F 76 5.66 8.06 29.52
N PHE F 77 5.70 6.93 28.83
CA PHE F 77 5.88 5.64 29.49
C PHE F 77 7.13 4.89 29.01
N PHE F 78 7.61 3.99 29.87
CA PHE F 78 8.75 3.15 29.61
C PHE F 78 8.15 1.80 29.24
N VAL F 79 8.81 1.06 28.34
CA VAL F 79 8.29 -0.25 27.93
C VAL F 79 9.35 -1.35 27.91
N VAL F 80 9.11 -2.43 28.65
CA VAL F 80 10.04 -3.55 28.64
C VAL F 80 9.54 -4.48 27.55
N MET F 81 10.36 -4.69 26.54
CA MET F 81 9.98 -5.58 25.43
C MET F 81 10.60 -6.96 25.54
N LYS F 82 10.06 -7.90 24.77
CA LYS F 82 10.63 -9.24 24.78
C LYS F 82 11.97 -9.16 24.06
N GLY F 83 13.04 -9.48 24.79
CA GLY F 83 14.37 -9.45 24.21
C GLY F 83 14.84 -10.80 23.70
N PRO F 84 15.71 -10.81 22.69
CA PRO F 84 16.24 -12.06 22.14
C PRO F 84 17.09 -12.82 23.16
N ASN F 85 17.51 -12.13 24.22
CA ASN F 85 18.34 -12.72 25.25
C ASN F 85 17.70 -12.70 26.63
N ASP F 86 16.37 -12.62 26.70
CA ASP F 86 15.72 -12.57 28.00
C ASP F 86 16.09 -13.70 28.95
N ALA F 87 16.28 -14.91 28.41
CA ALA F 87 16.64 -16.06 29.23
C ALA F 87 17.93 -15.85 30.04
N LEU F 88 18.84 -15.02 29.54
CA LEU F 88 20.10 -14.78 30.23
C LEU F 88 20.05 -13.64 31.25
N LEU F 89 19.02 -12.82 31.15
CA LEU F 89 18.91 -11.68 32.05
C LEU F 89 18.13 -11.97 33.34
N ARG F 90 18.40 -11.19 34.37
CA ARG F 90 17.71 -11.38 35.64
C ARG F 90 16.34 -10.71 35.56
N TRP F 91 15.37 -11.29 36.25
CA TRP F 91 14.01 -10.75 36.28
C TRP F 91 13.50 -10.81 37.70
N PRO F 92 12.61 -9.90 38.07
CA PRO F 92 12.03 -8.81 37.26
C PRO F 92 13.00 -7.69 36.92
N PHE F 93 12.68 -6.94 35.87
CA PHE F 93 13.50 -5.81 35.46
C PHE F 93 13.62 -4.97 36.73
N ASN F 94 14.83 -4.53 37.08
CA ASN F 94 14.97 -3.75 38.29
C ASN F 94 16.01 -2.64 38.16
N GLN F 95 15.86 -1.80 37.13
CA GLN F 95 16.81 -0.71 36.90
C GLN F 95 16.12 0.64 36.91
N LYS F 96 16.68 1.59 37.65
CA LYS F 96 16.11 2.93 37.71
C LYS F 96 16.02 3.53 36.30
N VAL F 97 14.95 4.28 36.05
CA VAL F 97 14.73 4.90 34.76
C VAL F 97 14.55 6.42 34.86
N THR F 98 15.31 7.15 34.05
CA THR F 98 15.19 8.59 34.02
C THR F 98 14.62 8.99 32.66
N LEU F 99 13.54 9.75 32.68
CA LEU F 99 12.89 10.21 31.45
C LEU F 99 13.02 11.73 31.43
N MET F 100 13.23 12.28 30.24
CA MET F 100 13.40 13.72 30.12
C MET F 100 12.76 14.24 28.83
N LEU F 101 12.42 15.53 28.84
CA LEU F 101 11.87 16.23 27.69
C LEU F 101 12.90 17.34 27.52
N LEU F 102 13.69 17.27 26.46
CA LEU F 102 14.75 18.22 26.23
C LEU F 102 14.37 19.60 25.77
N ASP F 103 14.90 20.58 26.51
CA ASP F 103 14.69 21.98 26.21
C ASP F 103 15.77 22.36 25.20
N GLN F 104 15.34 22.68 23.99
CA GLN F 104 16.26 23.04 22.91
C GLN F 104 16.94 24.41 23.08
N ASN F 105 16.93 24.89 24.32
CA ASN F 105 17.57 26.15 24.70
C ASN F 105 18.23 25.85 26.04
N ASN F 106 18.42 24.54 26.26
CA ASN F 106 19.05 23.96 27.45
C ASN F 106 18.96 24.86 28.69
N ARG F 107 17.76 25.39 28.93
CA ARG F 107 17.53 26.27 30.07
C ARG F 107 16.87 25.52 31.23
N GLU F 108 16.07 24.51 30.89
CA GLU F 108 15.38 23.72 31.92
C GLU F 108 14.66 22.54 31.30
N HIS F 109 15.27 21.37 31.40
CA HIS F 109 14.70 20.13 30.85
C HIS F 109 13.63 19.60 31.79
N VAL F 110 12.61 18.98 31.24
CA VAL F 110 11.57 18.39 32.09
C VAL F 110 12.08 17.00 32.40
N ILE F 111 12.46 16.77 33.64
CA ILE F 111 13.00 15.47 34.04
C ILE F 111 12.27 14.79 35.18
N ASP F 112 12.10 13.48 35.04
CA ASP F 112 11.47 12.68 36.08
C ASP F 112 12.24 11.36 36.13
N ALA F 113 12.08 10.62 37.22
CA ALA F 113 12.77 9.34 37.38
C ALA F 113 11.97 8.41 38.28
N PHE F 114 12.20 7.11 38.18
CA PHE F 114 11.48 6.17 39.01
C PHE F 114 12.22 4.85 39.08
N ARG F 115 11.95 4.08 40.13
CA ARG F 115 12.54 2.77 40.32
C ARG F 115 11.43 1.77 40.06
N PRO F 116 11.68 0.77 39.22
CA PRO F 116 10.66 -0.23 38.92
C PRO F 116 10.01 -0.88 40.12
N ASP F 117 8.70 -1.10 40.03
CA ASP F 117 7.96 -1.78 41.08
C ASP F 117 8.05 -3.27 40.76
N VAL F 118 8.99 -3.95 41.42
CA VAL F 118 9.20 -5.38 41.22
C VAL F 118 7.94 -6.24 41.17
N THR F 119 6.85 -5.77 41.76
CA THR F 119 5.61 -6.53 41.78
C THR F 119 4.74 -6.24 40.55
N SER F 120 5.12 -5.21 39.78
CA SER F 120 4.36 -4.82 38.60
C SER F 120 4.53 -5.78 37.42
N SER F 121 3.47 -5.93 36.64
CA SER F 121 3.49 -6.83 35.49
C SER F 121 4.18 -6.15 34.31
N SER F 122 4.80 -5.01 34.60
CA SER F 122 5.52 -4.26 33.58
C SER F 122 6.98 -4.71 33.56
N PHE F 123 7.48 -5.14 34.72
CA PHE F 123 8.88 -5.54 34.82
C PHE F 123 9.14 -7.03 34.98
N GLN F 124 8.18 -7.84 34.58
CA GLN F 124 8.34 -9.28 34.68
C GLN F 124 8.87 -9.75 33.34
N ARG F 125 9.47 -10.93 33.29
CA ARG F 125 9.98 -11.42 32.01
C ARG F 125 8.81 -11.46 31.03
N PRO F 126 8.97 -10.78 29.88
CA PRO F 126 7.95 -10.70 28.84
C PRO F 126 7.44 -12.04 28.31
N VAL F 127 6.12 -12.14 28.21
CA VAL F 127 5.46 -13.33 27.69
C VAL F 127 4.95 -12.97 26.30
N ASN F 128 4.58 -11.71 26.16
CA ASN F 128 4.10 -11.19 24.90
C ASN F 128 5.19 -10.40 24.22
N ASP F 129 4.86 -9.78 23.10
CA ASP F 129 5.81 -9.00 22.36
C ASP F 129 6.27 -7.82 23.24
N MET F 130 5.40 -7.34 24.13
CA MET F 130 5.72 -6.23 25.03
C MET F 130 4.95 -6.35 26.35
N ASN F 131 5.48 -5.76 27.42
CA ASN F 131 4.77 -5.76 28.68
C ASN F 131 3.93 -4.49 28.67
N ILE F 132 3.23 -4.23 29.76
CA ILE F 132 2.39 -3.05 29.87
C ILE F 132 3.26 -1.84 30.19
N ALA F 133 3.08 -0.78 29.41
CA ALA F 133 3.86 0.43 29.62
C ALA F 133 3.57 0.98 31.01
N SER F 134 4.61 1.54 31.62
CA SER F 134 4.56 2.14 32.94
C SER F 134 5.46 3.37 32.95
N GLY F 135 5.01 4.45 33.59
CA GLY F 135 5.83 5.65 33.61
C GLY F 135 5.27 6.88 34.27
N CYS F 136 5.10 7.94 33.47
CA CYS F 136 4.62 9.22 33.98
C CYS F 136 3.41 9.81 33.26
N PRO F 137 2.20 9.52 33.74
CA PRO F 137 0.97 10.03 33.12
C PRO F 137 0.97 11.56 33.12
N LEU F 138 1.55 12.13 34.16
CA LEU F 138 1.60 13.58 34.28
C LEU F 138 3.00 14.08 34.05
N PHE F 139 3.71 13.48 33.10
CA PHE F 139 5.09 13.86 32.80
C PHE F 139 5.29 15.34 32.58
N CYS F 140 4.46 15.92 31.71
CA CYS F 140 4.58 17.35 31.42
C CYS F 140 3.31 17.99 30.87
N PRO F 141 2.83 19.06 31.52
CA PRO F 141 1.63 19.81 31.13
C PRO F 141 1.71 20.44 29.74
N VAL F 142 0.72 20.15 28.91
CA VAL F 142 0.64 20.65 27.54
C VAL F 142 1.03 22.11 27.35
N SER F 143 0.59 22.95 28.27
CA SER F 143 0.89 24.37 28.19
C SER F 143 2.39 24.64 28.35
N LYS F 144 3.07 23.73 29.04
CA LYS F 144 4.51 23.90 29.26
C LYS F 144 5.30 23.84 27.95
N MET F 145 4.71 23.23 26.95
CA MET F 145 5.34 23.11 25.63
C MET F 145 4.47 23.76 24.57
N GLU F 146 3.75 22.93 23.82
CA GLU F 146 2.87 23.38 22.74
C GLU F 146 3.19 24.77 22.21
N ALA F 147 2.42 25.75 22.68
CA ALA F 147 2.55 27.17 22.28
C ALA F 147 3.86 27.54 21.61
N LYS F 148 4.96 27.52 22.37
CA LYS F 148 6.28 27.85 21.81
C LYS F 148 7.38 27.44 22.78
N ASN F 149 7.52 28.22 23.85
CA ASN F 149 8.52 27.92 24.88
C ASN F 149 9.86 27.61 24.20
N SER F 150 10.49 26.52 24.65
CA SER F 150 11.76 26.11 24.09
C SER F 150 11.91 24.59 24.01
N TYR F 151 10.79 23.88 24.09
CA TYR F 151 10.83 22.41 23.98
C TYR F 151 10.45 22.00 22.58
N VAL F 152 9.74 22.88 21.89
CA VAL F 152 9.32 22.61 20.52
C VAL F 152 9.97 23.62 19.60
N ARG F 153 10.95 23.16 18.81
CA ARG F 153 11.65 24.04 17.88
C ARG F 153 11.62 23.38 16.52
N ASP F 154 11.44 24.21 15.49
CA ASP F 154 11.38 23.73 14.12
C ASP F 154 10.47 22.51 13.98
N ASP F 155 9.39 22.51 14.76
CA ASP F 155 8.37 21.46 14.76
C ASP F 155 8.88 20.09 15.17
N ALA F 156 9.69 20.07 16.22
CA ALA F 156 10.25 18.83 16.70
C ALA F 156 10.60 18.87 18.18
N ILE F 157 10.51 17.72 18.83
CA ILE F 157 10.86 17.62 20.24
C ILE F 157 11.82 16.46 20.42
N PHE F 158 12.54 16.48 21.53
CA PHE F 158 13.50 15.44 21.84
C PHE F 158 13.22 14.83 23.20
N ILE F 159 13.03 13.51 23.20
CA ILE F 159 12.78 12.78 24.43
C ILE F 159 14.02 11.91 24.68
N LYS F 160 14.53 11.97 25.91
CA LYS F 160 15.70 11.22 26.27
C LYS F 160 15.42 10.31 27.48
N ALA F 161 15.95 9.09 27.43
CA ALA F 161 15.78 8.11 28.49
C ALA F 161 17.14 7.57 28.92
N ILE F 162 17.29 7.39 30.23
CA ILE F 162 18.53 6.89 30.77
C ILE F 162 18.18 5.78 31.74
N VAL F 163 18.56 4.57 31.37
CA VAL F 163 18.33 3.38 32.18
C VAL F 163 19.61 3.11 32.99
N ASP F 164 19.57 3.37 34.30
CA ASP F 164 20.76 3.13 35.13
C ASP F 164 21.27 1.70 34.96
N LEU F 165 22.59 1.56 34.92
CA LEU F 165 23.20 0.26 34.68
C LEU F 165 23.86 -0.43 35.87
N THR F 166 23.49 -0.02 37.08
CA THR F 166 24.04 -0.64 38.27
C THR F 166 23.65 -2.13 38.31
N GLY F 167 24.64 -2.98 38.53
CA GLY F 167 24.41 -4.41 38.57
C GLY F 167 24.38 -5.09 37.21
N LEU F 168 24.85 -4.41 36.18
CA LEU F 168 24.86 -4.98 34.83
C LEU F 168 26.23 -4.88 34.15
N ALA G 3 -8.11 -24.08 -10.95
CA ALA G 3 -9.29 -24.20 -11.85
C ALA G 3 -9.14 -25.40 -12.79
N ALA G 4 -10.19 -26.21 -12.87
CA ALA G 4 -10.21 -27.40 -13.72
C ALA G 4 -11.11 -27.21 -14.94
N GLN G 5 -10.52 -26.97 -16.10
CA GLN G 5 -11.29 -26.78 -17.34
C GLN G 5 -12.41 -27.80 -17.49
N GLU G 6 -13.42 -27.44 -18.30
CA GLU G 6 -14.55 -28.35 -18.52
C GLU G 6 -14.10 -29.33 -19.60
N GLU G 7 -14.69 -30.53 -19.59
CA GLU G 7 -14.31 -31.54 -20.59
C GLU G 7 -15.32 -31.51 -21.75
N ALA H 3 -46.08 6.50 7.52
CA ALA H 3 -46.77 6.67 6.20
C ALA H 3 -48.24 6.30 6.28
N ALA H 4 -49.03 6.77 5.32
CA ALA H 4 -50.46 6.46 5.27
C ALA H 4 -50.78 5.81 3.93
N GLN H 5 -51.30 4.58 3.98
CA GLN H 5 -51.61 3.84 2.76
C GLN H 5 -52.57 4.57 1.82
N GLU H 6 -52.42 4.34 0.53
CA GLU H 6 -53.28 4.97 -0.48
C GLU H 6 -54.67 4.38 -0.35
N GLU H 7 -55.69 5.16 -0.70
CA GLU H 7 -57.07 4.67 -0.62
C GLU H 7 -57.48 4.23 -2.02
C ACE I 1 45.63 -24.76 24.62
O ACE I 1 45.41 -23.63 24.16
CH3 ACE I 1 45.32 -25.05 26.08
N GLY I 2 46.14 -25.74 23.90
CA GLY I 2 46.45 -25.52 22.49
C GLY I 2 45.19 -25.78 21.68
N ALA I 3 45.03 -25.07 20.57
CA ALA I 3 43.84 -25.24 19.72
C ALA I 3 44.11 -26.26 18.61
N ALA I 4 43.08 -27.00 18.24
CA ALA I 4 43.19 -28.01 17.18
C ALA I 4 42.29 -27.67 15.99
N GLN I 5 42.85 -27.77 14.78
CA GLN I 5 42.08 -27.44 13.58
C GLN I 5 40.97 -28.45 13.32
N GLU I 6 39.89 -28.00 12.67
CA GLU I 6 38.79 -28.88 12.36
C GLU I 6 39.29 -29.74 11.19
N GLU I 7 38.65 -30.88 10.97
CA GLU I 7 39.05 -31.77 9.87
C GLU I 7 37.91 -31.96 8.87
N GLY J 2 44.21 26.53 11.21
CA GLY J 2 44.08 27.30 9.94
C GLY J 2 43.62 26.46 8.76
N ALA J 3 42.41 25.94 8.85
CA ALA J 3 41.85 25.13 7.75
C ALA J 3 41.43 26.10 6.65
N ALA J 4 41.81 25.80 5.42
CA ALA J 4 41.46 26.64 4.28
C ALA J 4 40.29 25.94 3.60
N GLN J 5 39.29 26.71 3.15
CA GLN J 5 38.13 26.12 2.49
C GLN J 5 38.49 25.63 1.10
N GLU J 6 37.89 24.51 0.71
CA GLU J 6 38.15 23.97 -0.63
C GLU J 6 37.72 25.06 -1.60
N GLU J 7 38.50 25.25 -2.66
CA GLU J 7 38.16 26.27 -3.65
C GLU J 7 36.97 25.73 -4.44
N ALA K 3 6.18 5.06 39.55
CA ALA K 3 5.60 4.98 38.17
C ALA K 3 4.20 4.35 38.15
N ALA K 4 3.39 4.78 37.20
CA ALA K 4 2.03 4.28 37.06
C ALA K 4 1.82 3.75 35.65
N GLN K 5 1.12 2.63 35.52
CA GLN K 5 0.88 2.03 34.21
C GLN K 5 0.00 2.90 33.30
N GLU K 6 0.05 2.61 32.01
CA GLU K 6 -0.75 3.36 31.05
C GLU K 6 -2.13 2.71 31.04
N GLU K 7 -3.17 3.52 30.86
CA GLU K 7 -4.52 2.99 30.82
C GLU K 7 -5.02 2.97 29.39
#